data_7VE0
#
_entry.id   7VE0
#
_cell.length_a   150.290
_cell.length_b   70.410
_cell.length_c   106.670
_cell.angle_alpha   90.00
_cell.angle_beta   133.61
_cell.angle_gamma   90.00
#
_symmetry.space_group_name_H-M   'C 1 2 1'
#
loop_
_entity.id
_entity.type
_entity.pdbx_description
1 polymer 'Plasmepsin II'
2 non-polymer RITONAVIR
3 non-polymer 3-[(3-CHOLAMIDOPROPYL)DIMETHYLAMMONIO]-1-PROPANESULFONATE
4 non-polymer 1,2-ETHANEDIOL
5 water water
#
_entity_poly.entity_id   1
_entity_poly.type   'polypeptide(L)'
_entity_poly.pdbx_seq_one_letter_code
;LGSSNDNIELVDFQNIMFYGDAEVGDNQQPFTFILDTGSANLWVPSVKCTTAGCLTKHLYDSSKSRTYEKDGTKVEMNYV
SGTVSGFFSKDLVTVGNLSLPYKFIEVIDTNGFEPTYTASTFDGILGLGWKDLSIGSVDPIVVELKNQNKIENALFTFYL
PVHDKHTGFLTIGGIEERFYEGPLTYEKLNHDLYWQITLDAHVGNIMLEKANCIVDSGTSAITVPTDFLNKMLQNLDVIK
VPFLPFYVTLCNNSKLPTFEFTSENGKYTLEPEYYLQHIEDVGPGLCMLNIIGLDFPVPTFILGDPFMRKYFTVFDYDNQ
SVGIALAKKNL
;
_entity_poly.pdbx_strand_id   A,B
#
# COMPACT_ATOMS: atom_id res chain seq x y z
N SER A 3 -1.09 31.94 -10.09
CA SER A 3 -0.58 31.21 -11.29
C SER A 3 -0.58 29.70 -11.01
N SER A 4 -1.05 28.90 -11.99
CA SER A 4 -1.32 27.44 -11.87
C SER A 4 -2.16 27.18 -10.62
N ASN A 5 -1.52 26.73 -9.53
CA ASN A 5 -2.09 26.72 -8.16
C ASN A 5 -0.97 26.34 -7.18
N ASP A 6 -0.59 27.27 -6.31
CA ASP A 6 0.43 27.08 -5.25
C ASP A 6 -0.09 26.07 -4.23
N ASN A 7 0.76 25.14 -3.79
CA ASN A 7 0.36 24.13 -2.79
C ASN A 7 1.57 23.68 -1.97
N ILE A 8 1.29 22.93 -0.91
CA ILE A 8 2.29 22.24 -0.04
C ILE A 8 1.79 20.80 0.09
N GLU A 9 2.70 19.83 -0.12
CA GLU A 9 2.34 18.38 -0.09
C GLU A 9 1.94 18.04 1.34
N LEU A 10 0.93 17.17 1.49
CA LEU A 10 0.46 16.65 2.81
C LEU A 10 0.87 15.18 2.93
N VAL A 11 1.62 14.86 3.98
CA VAL A 11 2.23 13.51 4.21
C VAL A 11 1.46 12.85 5.34
N ASP A 12 0.87 11.68 5.07
CA ASP A 12 0.17 10.84 6.08
C ASP A 12 1.20 10.33 7.09
N PHE A 13 0.90 10.46 8.38
CA PHE A 13 1.69 9.90 9.51
C PHE A 13 0.85 8.80 10.17
N GLN A 14 1.17 7.54 9.88
CA GLN A 14 0.62 6.31 10.52
C GLN A 14 -0.91 6.25 10.40
N ASN A 15 -1.47 6.81 9.31
CA ASN A 15 -2.93 6.76 8.96
C ASN A 15 -3.80 7.38 10.08
N ILE A 16 -3.31 8.39 10.79
CA ILE A 16 -4.08 9.04 11.90
C ILE A 16 -3.80 10.55 11.94
N MET A 17 -2.68 11.00 11.39
CA MET A 17 -2.35 12.45 11.27
C MET A 17 -1.81 12.72 9.88
N PHE A 18 -1.64 13.99 9.55
CA PHE A 18 -0.98 14.46 8.31
C PHE A 18 -0.31 15.81 8.62
N TYR A 19 0.80 16.10 7.95
CA TYR A 19 1.60 17.33 8.16
C TYR A 19 1.97 17.89 6.78
N GLY A 20 2.24 19.19 6.73
CA GLY A 20 2.83 19.87 5.57
C GLY A 20 4.05 20.66 6.01
N ASP A 21 4.97 20.94 5.09
CA ASP A 21 6.23 21.67 5.39
C ASP A 21 6.10 23.10 4.86
N ALA A 22 6.52 24.08 5.65
CA ALA A 22 6.74 25.49 5.23
C ALA A 22 8.01 25.99 5.90
N GLU A 23 8.49 27.19 5.54
CA GLU A 23 9.80 27.71 6.01
C GLU A 23 9.62 29.08 6.69
N VAL A 24 10.56 29.43 7.58
CA VAL A 24 10.63 30.75 8.27
C VAL A 24 12.07 31.27 8.18
N GLY A 25 12.25 32.57 7.90
CA GLY A 25 13.56 33.22 7.73
C GLY A 25 13.96 33.29 6.26
N ASP A 26 14.70 34.33 5.87
CA ASP A 26 15.16 34.52 4.46
C ASP A 26 16.06 33.36 4.04
N ASN A 27 16.58 32.58 5.01
CA ASN A 27 17.41 31.37 4.76
C ASN A 27 16.52 30.12 4.69
N GLN A 28 15.20 30.29 4.65
CA GLN A 28 14.20 29.22 4.43
C GLN A 28 14.48 28.02 5.36
N GLN A 29 14.54 28.26 6.67
CA GLN A 29 14.70 27.19 7.69
C GLN A 29 13.45 26.32 7.63
N PRO A 30 13.56 24.99 7.39
CA PRO A 30 12.39 24.15 7.16
C PRO A 30 11.75 23.59 8.44
N PHE A 31 10.42 23.64 8.52
CA PHE A 31 9.61 23.11 9.66
C PHE A 31 8.49 22.23 9.11
N THR A 32 8.10 21.21 9.87
CA THR A 32 6.92 20.36 9.61
C THR A 32 5.79 20.87 10.51
N PHE A 33 4.60 21.06 9.95
CA PHE A 33 3.46 21.70 10.64
C PHE A 33 2.26 20.77 10.68
N ILE A 34 1.51 20.84 11.78
CA ILE A 34 0.04 20.62 11.76
C ILE A 34 -0.58 21.85 11.08
N LEU A 35 -1.30 21.62 9.99
CA LEU A 35 -2.09 22.66 9.28
C LEU A 35 -3.46 22.71 9.95
N ASP A 36 -3.74 23.78 10.69
CA ASP A 36 -4.87 23.85 11.66
C ASP A 36 -5.86 24.95 11.26
N THR A 37 -6.98 24.56 10.66
CA THR A 37 -8.07 25.51 10.31
C THR A 37 -8.79 25.99 11.57
N GLY A 38 -8.59 25.31 12.72
CA GLY A 38 -9.26 25.63 14.00
C GLY A 38 -8.41 26.53 14.90
N SER A 39 -7.34 27.11 14.39
CA SER A 39 -6.56 28.18 15.09
C SER A 39 -6.06 29.20 14.06
N ALA A 40 -5.47 30.30 14.52
CA ALA A 40 -5.23 31.50 13.70
C ALA A 40 -3.86 32.11 14.00
N ASN A 41 -2.90 31.30 14.48
CA ASN A 41 -1.49 31.72 14.75
C ASN A 41 -0.54 30.67 14.18
N LEU A 42 0.65 31.13 13.77
CA LEU A 42 1.80 30.30 13.38
C LEU A 42 2.81 30.30 14.52
N TRP A 43 3.33 29.12 14.89
CA TRP A 43 4.43 29.03 15.88
C TRP A 43 5.46 27.99 15.43
N VAL A 44 6.72 28.26 15.76
CA VAL A 44 7.87 27.34 15.57
C VAL A 44 8.65 27.31 16.86
N PRO A 45 9.30 26.16 17.19
CA PRO A 45 10.17 26.09 18.36
C PRO A 45 11.49 26.82 18.09
N SER A 46 11.95 27.61 19.07
CA SER A 46 13.17 28.44 19.03
C SER A 46 14.40 27.60 19.37
N VAL A 47 15.58 28.04 18.92
CA VAL A 47 16.90 27.55 19.40
C VAL A 47 17.02 27.85 20.89
N LYS A 48 16.29 28.87 21.37
CA LYS A 48 16.28 29.30 22.80
C LYS A 48 15.34 28.41 23.63
N CYS A 49 14.66 27.46 22.99
CA CYS A 49 13.76 26.50 23.68
C CYS A 49 14.56 25.68 24.68
N THR A 50 14.05 25.56 25.91
CA THR A 50 14.77 25.04 27.11
C THR A 50 14.19 23.69 27.52
N THR A 51 13.40 23.03 26.67
CA THR A 51 12.57 21.84 27.04
C THR A 51 12.96 20.61 26.21
N ALA A 52 12.64 19.42 26.73
CA ALA A 52 13.04 18.09 26.19
C ALA A 52 12.56 17.92 24.74
N GLY A 53 11.30 18.31 24.46
CA GLY A 53 10.66 18.14 23.13
C GLY A 53 11.44 18.78 22.01
N CYS A 54 12.08 19.93 22.27
CA CYS A 54 12.78 20.77 21.26
C CYS A 54 14.06 20.08 20.76
N LEU A 55 14.63 19.16 21.55
CA LEU A 55 15.88 18.41 21.17
C LEU A 55 15.65 17.58 19.91
N THR A 56 14.41 17.14 19.67
CA THR A 56 14.01 16.20 18.59
C THR A 56 13.45 16.96 17.38
N LYS A 57 13.50 18.30 17.37
CA LYS A 57 12.77 19.16 16.39
C LYS A 57 13.73 20.02 15.56
N HIS A 58 13.24 20.47 14.40
CA HIS A 58 13.78 21.63 13.65
C HIS A 58 13.48 22.90 14.45
N LEU A 59 14.52 23.67 14.80
CA LEU A 59 14.40 24.88 15.66
C LEU A 59 14.72 26.12 14.84
N TYR A 60 14.01 27.21 15.13
CA TYR A 60 14.12 28.53 14.46
C TYR A 60 15.23 29.33 15.14
N ASP A 61 16.18 29.83 14.35
CA ASP A 61 17.30 30.69 14.78
C ASP A 61 17.15 32.06 14.09
N SER A 62 16.58 33.03 14.82
CA SER A 62 16.32 34.42 14.36
C SER A 62 17.63 35.12 13.96
N SER A 63 18.74 34.76 14.59
CA SER A 63 20.07 35.39 14.33
C SER A 63 20.58 35.01 12.93
N LYS A 64 20.13 33.88 12.37
CA LYS A 64 20.57 33.36 11.04
C LYS A 64 19.70 33.96 9.92
N SER A 65 18.62 34.68 10.26
CA SER A 65 17.74 35.38 9.29
C SER A 65 17.98 36.90 9.38
N ARG A 66 18.17 37.53 8.22
CA ARG A 66 18.42 39.00 8.13
C ARG A 66 17.12 39.74 7.82
N THR A 67 16.01 39.01 7.66
CA THR A 67 14.62 39.57 7.51
C THR A 67 13.87 39.48 8.85
N TYR A 68 14.46 38.83 9.86
CA TYR A 68 13.95 38.77 11.25
C TYR A 68 13.84 40.21 11.79
N GLU A 69 12.67 40.55 12.33
CA GLU A 69 12.40 41.81 13.06
C GLU A 69 11.92 41.46 14.47
N LYS A 70 12.64 41.93 15.48
CA LYS A 70 12.39 41.63 16.92
C LYS A 70 11.01 42.16 17.30
N ASP A 71 10.23 41.38 18.07
CA ASP A 71 9.00 41.84 18.75
C ASP A 71 9.20 41.62 20.26
N GLY A 72 9.15 40.36 20.70
CA GLY A 72 9.48 39.96 22.09
C GLY A 72 8.27 39.97 23.00
N THR A 73 7.12 40.47 22.54
CA THR A 73 5.84 40.42 23.31
C THR A 73 5.58 38.97 23.71
N LYS A 74 5.49 38.70 25.02
CA LYS A 74 5.27 37.33 25.57
C LYS A 74 3.88 36.86 25.17
N VAL A 75 3.78 35.59 24.78
CA VAL A 75 2.51 34.94 24.35
C VAL A 75 2.43 33.55 24.98
N GLU A 76 1.25 33.21 25.51
CA GLU A 76 0.85 31.83 25.85
C GLU A 76 -0.26 31.42 24.88
N MET A 77 -0.03 30.33 24.14
CA MET A 77 -0.97 29.76 23.15
C MET A 77 -1.58 28.49 23.76
N ASN A 78 -2.88 28.53 24.07
CA ASN A 78 -3.60 27.46 24.81
C ASN A 78 -4.53 26.72 23.86
N TYR A 79 -4.15 25.50 23.46
CA TYR A 79 -5.00 24.57 22.67
C TYR A 79 -5.73 23.65 23.65
N VAL A 80 -6.85 23.07 23.22
CA VAL A 80 -7.63 22.10 24.05
C VAL A 80 -6.69 20.96 24.47
N SER A 81 -5.70 20.60 23.63
CA SER A 81 -4.83 19.41 23.82
C SER A 81 -3.47 19.78 24.45
N GLY A 82 -3.13 21.06 24.60
CA GLY A 82 -1.87 21.46 25.23
C GLY A 82 -1.60 22.96 25.10
N THR A 83 -0.53 23.41 25.78
CA THR A 83 -0.07 24.82 25.82
C THR A 83 1.40 24.88 25.37
N VAL A 84 1.73 25.86 24.54
CA VAL A 84 3.12 26.30 24.23
C VAL A 84 3.21 27.78 24.57
N SER A 85 4.39 28.25 24.97
CA SER A 85 4.64 29.68 25.31
C SER A 85 5.96 30.14 24.69
N GLY A 86 6.13 31.45 24.63
CA GLY A 86 7.32 32.12 24.09
C GLY A 86 7.03 33.59 23.88
N PHE A 87 7.34 34.11 22.69
CA PHE A 87 7.21 35.56 22.37
C PHE A 87 7.02 35.74 20.87
N PHE A 88 6.39 36.85 20.48
CA PHE A 88 6.18 37.21 19.05
C PHE A 88 7.53 37.55 18.43
N SER A 89 7.71 37.10 17.19
CA SER A 89 8.81 37.48 16.27
C SER A 89 8.19 37.81 14.91
N LYS A 90 8.87 38.61 14.09
CA LYS A 90 8.45 38.83 12.67
C LYS A 90 9.59 38.38 11.77
N ASP A 91 9.27 37.59 10.74
CA ASP A 91 10.26 37.10 9.73
C ASP A 91 9.50 36.66 8.48
N LEU A 92 10.23 36.41 7.39
N LEU A 92 10.23 36.39 7.40
CA LEU A 92 9.68 35.89 6.11
CA LEU A 92 9.69 35.90 6.11
C LEU A 92 9.13 34.48 6.34
C LEU A 92 9.15 34.47 6.29
N VAL A 93 7.89 34.24 5.92
CA VAL A 93 7.25 32.89 5.94
C VAL A 93 6.99 32.47 4.49
N THR A 94 7.44 31.27 4.12
CA THR A 94 7.30 30.68 2.77
C THR A 94 6.37 29.46 2.84
N VAL A 95 5.24 29.51 2.13
CA VAL A 95 4.30 28.37 1.95
C VAL A 95 4.24 28.04 0.45
N GLY A 96 4.62 26.82 0.09
CA GLY A 96 4.92 26.42 -1.30
C GLY A 96 6.00 27.30 -1.92
N ASN A 97 5.63 28.15 -2.88
CA ASN A 97 6.53 29.13 -3.53
C ASN A 97 6.05 30.55 -3.22
N LEU A 98 5.14 30.70 -2.26
CA LEU A 98 4.58 32.02 -1.85
C LEU A 98 5.27 32.47 -0.57
N SER A 99 5.76 33.72 -0.54
CA SER A 99 6.55 34.32 0.57
C SER A 99 5.86 35.60 1.05
N LEU A 100 5.88 35.87 2.36
CA LEU A 100 5.45 37.19 2.92
C LEU A 100 6.03 37.39 4.32
N PRO A 101 6.35 38.65 4.71
CA PRO A 101 6.70 38.97 6.10
C PRO A 101 5.50 38.65 6.99
N TYR A 102 5.73 38.10 8.19
CA TYR A 102 4.64 37.54 9.01
C TYR A 102 5.00 37.52 10.49
N LYS A 103 4.01 37.85 11.33
CA LYS A 103 4.06 37.78 12.81
C LYS A 103 3.70 36.35 13.25
N PHE A 104 4.65 35.65 13.88
CA PHE A 104 4.48 34.26 14.38
C PHE A 104 4.99 34.20 15.81
N ILE A 105 4.69 33.11 16.51
CA ILE A 105 5.15 32.90 17.91
C ILE A 105 6.44 32.09 17.88
N GLU A 106 7.49 32.60 18.51
CA GLU A 106 8.78 31.89 18.75
C GLU A 106 8.66 31.17 20.10
N VAL A 107 8.50 29.84 20.08
CA VAL A 107 8.15 29.02 21.28
C VAL A 107 9.45 28.60 21.98
N ILE A 108 9.51 28.80 23.31
CA ILE A 108 10.69 28.42 24.15
C ILE A 108 10.28 27.41 25.23
N ASP A 109 8.98 27.20 25.48
CA ASP A 109 8.49 26.19 26.45
C ASP A 109 7.39 25.34 25.80
N THR A 110 7.62 24.02 25.71
CA THR A 110 6.71 23.01 25.13
C THR A 110 6.32 21.95 26.17
N ASN A 111 6.62 22.17 27.46
CA ASN A 111 6.29 21.20 28.56
C ASN A 111 4.79 20.88 28.53
N GLY A 112 3.96 21.91 28.27
CA GLY A 112 2.49 21.79 28.28
C GLY A 112 1.94 21.11 27.05
N PHE A 113 2.81 20.61 26.16
CA PHE A 113 2.42 20.01 24.85
C PHE A 113 2.79 18.52 24.84
N GLU A 114 3.23 17.98 25.97
CA GLU A 114 3.71 16.57 26.08
C GLU A 114 2.57 15.71 26.63
N PRO A 115 2.52 14.38 26.32
CA PRO A 115 3.55 13.70 25.53
C PRO A 115 3.44 13.80 24.01
N THR A 116 2.37 14.41 23.49
CA THR A 116 2.04 14.46 22.04
C THR A 116 3.24 15.00 21.24
N TYR A 117 3.90 16.05 21.74
CA TYR A 117 4.94 16.80 20.98
C TYR A 117 6.11 15.88 20.62
N THR A 118 6.73 15.26 21.64
CA THR A 118 7.91 14.37 21.49
C THR A 118 7.53 13.10 20.70
N ALA A 119 6.28 12.66 20.79
CA ALA A 119 5.78 11.42 20.14
C ALA A 119 5.54 11.65 18.65
N SER A 120 5.34 12.91 18.23
CA SER A 120 4.89 13.31 16.87
C SER A 120 6.05 13.89 16.08
N THR A 121 5.93 13.97 14.75
CA THR A 121 7.03 14.44 13.85
C THR A 121 6.90 15.94 13.56
N PHE A 122 5.79 16.59 13.95
CA PHE A 122 5.58 18.04 13.65
C PHE A 122 6.47 18.86 14.59
N ASP A 123 6.96 20.00 14.08
CA ASP A 123 7.79 20.97 14.83
C ASP A 123 6.87 22.04 15.42
N GLY A 124 5.85 22.46 14.66
CA GLY A 124 4.91 23.50 15.10
C GLY A 124 3.54 23.34 14.47
N ILE A 125 2.73 24.39 14.59
CA ILE A 125 1.33 24.47 14.07
C ILE A 125 1.18 25.75 13.25
N LEU A 126 0.62 25.62 12.05
CA LEU A 126 0.33 26.73 11.11
C LEU A 126 -1.19 26.91 11.08
N GLY A 127 -1.66 27.98 11.72
CA GLY A 127 -3.09 28.33 11.83
C GLY A 127 -3.65 28.76 10.49
N LEU A 128 -4.84 28.26 10.14
CA LEU A 128 -5.56 28.67 8.89
C LEU A 128 -6.96 29.20 9.24
N GLY A 129 -7.10 29.82 10.42
CA GLY A 129 -8.38 30.40 10.90
C GLY A 129 -8.53 31.87 10.55
N TRP A 130 -9.33 32.58 11.36
CA TRP A 130 -9.73 33.99 11.11
C TRP A 130 -8.97 34.94 12.05
N LYS A 131 -8.77 36.18 11.62
CA LYS A 131 -7.93 37.19 12.33
C LYS A 131 -8.38 37.36 13.77
N ASP A 132 -9.68 37.51 14.02
CA ASP A 132 -10.25 37.91 15.34
C ASP A 132 -10.13 36.75 16.35
N LEU A 133 -9.74 35.55 15.89
CA LEU A 133 -9.41 34.39 16.76
C LEU A 133 -7.92 34.43 17.12
N SER A 134 -7.10 35.11 16.32
CA SER A 134 -5.63 35.19 16.49
C SER A 134 -5.29 35.90 17.80
N ILE A 135 -4.17 35.55 18.43
CA ILE A 135 -3.47 36.36 19.46
C ILE A 135 -2.60 37.36 18.69
N GLY A 136 -2.65 38.64 19.05
CA GLY A 136 -1.80 39.71 18.48
C GLY A 136 -2.36 40.26 17.18
N SER A 137 -3.62 39.97 16.85
CA SER A 137 -4.37 40.56 15.71
C SER A 137 -3.56 40.37 14.42
N VAL A 138 -3.32 39.11 14.04
CA VAL A 138 -2.51 38.70 12.88
C VAL A 138 -3.45 38.38 11.71
N ASP A 139 -3.29 39.06 10.57
CA ASP A 139 -4.07 38.77 9.34
C ASP A 139 -3.76 37.33 8.91
N PRO A 140 -4.76 36.50 8.54
CA PRO A 140 -4.48 35.14 8.08
C PRO A 140 -3.57 35.15 6.85
N ILE A 141 -2.68 34.14 6.73
CA ILE A 141 -1.67 34.05 5.63
C ILE A 141 -2.38 34.20 4.28
N VAL A 142 -3.43 33.41 4.04
CA VAL A 142 -4.10 33.28 2.72
C VAL A 142 -4.74 34.63 2.35
N VAL A 143 -5.36 35.30 3.31
CA VAL A 143 -5.98 36.67 3.16
C VAL A 143 -4.90 37.67 2.75
N GLU A 144 -3.76 37.67 3.46
CA GLU A 144 -2.63 38.61 3.19
C GLU A 144 -2.08 38.38 1.78
N LEU A 145 -1.87 37.11 1.38
CA LEU A 145 -1.36 36.73 0.03
C LEU A 145 -2.31 37.28 -1.05
N LYS A 146 -3.63 37.16 -0.83
CA LYS A 146 -4.67 37.70 -1.75
C LYS A 146 -4.56 39.23 -1.79
N ASN A 147 -4.52 39.87 -0.62
CA ASN A 147 -4.41 41.35 -0.49
CA ASN A 147 -4.41 41.35 -0.47
C ASN A 147 -3.15 41.85 -1.20
N GLN A 148 -2.11 41.01 -1.27
CA GLN A 148 -0.81 41.34 -1.91
C GLN A 148 -0.79 40.89 -3.37
N ASN A 149 -1.92 40.36 -3.89
CA ASN A 149 -2.11 39.94 -5.30
C ASN A 149 -1.13 38.83 -5.68
N LYS A 150 -0.74 38.00 -4.71
CA LYS A 150 0.19 36.84 -4.89
C LYS A 150 -0.65 35.60 -5.29
N ILE A 151 -2.00 35.70 -5.05
CA ILE A 151 -2.98 34.66 -5.45
C ILE A 151 -4.27 35.35 -5.94
N GLU A 152 -5.07 34.54 -6.71
CA GLU A 152 -6.30 35.00 -7.43
C GLU A 152 -7.48 35.07 -6.45
N ASN A 153 -7.45 34.30 -5.36
CA ASN A 153 -8.61 34.19 -4.42
C ASN A 153 -8.12 33.95 -2.97
N ALA A 154 -8.83 34.55 -2.01
CA ALA A 154 -8.65 34.32 -0.56
C ALA A 154 -9.35 33.01 -0.18
N LEU A 155 -8.85 31.89 -0.71
CA LEU A 155 -9.34 30.53 -0.39
C LEU A 155 -8.18 29.53 -0.40
N PHE A 156 -8.35 28.42 0.30
CA PHE A 156 -7.41 27.27 0.28
C PHE A 156 -8.25 25.99 0.32
N THR A 157 -7.67 24.88 -0.15
CA THR A 157 -8.38 23.58 -0.25
C THR A 157 -7.55 22.48 0.44
N PHE A 158 -8.24 21.53 1.07
CA PHE A 158 -7.65 20.33 1.69
C PHE A 158 -8.07 19.09 0.88
N TYR A 159 -7.06 18.45 0.29
CA TYR A 159 -7.12 17.10 -0.33
C TYR A 159 -6.19 16.22 0.51
N LEU A 160 -6.76 15.57 1.53
CA LEU A 160 -5.93 14.84 2.51
C LEU A 160 -5.28 13.63 1.84
N PRO A 161 -4.07 13.23 2.30
CA PRO A 161 -3.47 11.98 1.87
C PRO A 161 -4.28 10.79 2.40
N VAL A 162 -4.30 9.68 1.66
CA VAL A 162 -4.89 8.38 2.07
C VAL A 162 -3.75 7.36 2.14
N HIS A 163 -3.52 6.82 3.34
CA HIS A 163 -2.42 5.86 3.68
C HIS A 163 -2.32 4.78 2.60
N ASP A 164 -1.14 4.66 1.97
CA ASP A 164 -0.77 3.62 0.98
C ASP A 164 -1.62 3.74 -0.29
N LYS A 165 -2.19 4.92 -0.58
CA LYS A 165 -3.00 5.16 -1.81
C LYS A 165 -2.47 6.39 -2.55
N HIS A 166 -2.27 7.51 -1.86
CA HIS A 166 -1.80 8.79 -2.47
C HIS A 166 -1.41 9.80 -1.39
N THR A 167 -0.47 10.70 -1.68
CA THR A 167 -0.19 11.90 -0.85
C THR A 167 -1.34 12.88 -1.01
N GLY A 168 -1.32 13.96 -0.24
CA GLY A 168 -2.36 15.01 -0.27
C GLY A 168 -1.76 16.35 -0.61
N PHE A 169 -2.59 17.38 -0.68
CA PHE A 169 -2.18 18.79 -0.91
C PHE A 169 -3.12 19.74 -0.12
N LEU A 170 -2.45 20.75 0.49
CA LEU A 170 -3.04 22.08 0.81
C LEU A 170 -2.78 22.99 -0.39
N THR A 171 -3.82 23.30 -1.18
CA THR A 171 -3.70 24.23 -2.34
C THR A 171 -4.15 25.65 -1.92
N ILE A 172 -3.29 26.66 -2.17
CA ILE A 172 -3.55 28.07 -1.77
C ILE A 172 -3.90 28.88 -3.01
N GLY A 173 -5.14 29.39 -3.09
CA GLY A 173 -5.53 30.48 -4.01
C GLY A 173 -6.39 30.02 -5.18
N GLY A 174 -6.62 28.71 -5.34
CA GLY A 174 -7.48 28.18 -6.42
C GLY A 174 -7.98 26.76 -6.17
N ILE A 175 -9.15 26.45 -6.74
CA ILE A 175 -9.83 25.13 -6.67
C ILE A 175 -9.44 24.32 -7.91
N GLU A 176 -8.81 23.14 -7.72
CA GLU A 176 -8.51 22.18 -8.81
C GLU A 176 -9.57 21.07 -8.78
N GLU A 177 -10.17 20.81 -9.95
CA GLU A 177 -11.29 19.85 -10.14
C GLU A 177 -10.74 18.40 -10.09
N ARG A 178 -9.41 18.26 -10.21
CA ARG A 178 -8.70 16.95 -10.15
C ARG A 178 -8.94 16.30 -8.76
N PHE A 179 -9.13 17.13 -7.74
CA PHE A 179 -9.11 16.71 -6.30
C PHE A 179 -10.44 16.14 -5.82
N TYR A 180 -11.53 16.35 -6.56
CA TYR A 180 -12.89 15.95 -6.10
C TYR A 180 -13.72 15.41 -7.27
N GLU A 181 -14.59 14.45 -6.96
CA GLU A 181 -15.62 13.89 -7.88
C GLU A 181 -16.99 14.37 -7.40
N GLY A 182 -17.97 14.38 -8.31
CA GLY A 182 -19.36 14.76 -7.99
C GLY A 182 -19.48 16.26 -7.72
N PRO A 183 -20.58 16.71 -7.08
CA PRO A 183 -20.85 18.14 -6.90
C PRO A 183 -20.11 18.75 -5.71
N LEU A 184 -19.56 19.97 -5.89
CA LEU A 184 -19.00 20.81 -4.80
C LEU A 184 -20.13 21.66 -4.21
N THR A 185 -20.46 21.44 -2.94
CA THR A 185 -21.58 22.15 -2.24
C THR A 185 -21.00 23.12 -1.22
N TYR A 186 -21.44 24.38 -1.26
CA TYR A 186 -20.93 25.50 -0.41
C TYR A 186 -21.88 25.71 0.78
N GLU A 187 -21.32 25.57 1.98
CA GLU A 187 -22.03 25.77 3.28
C GLU A 187 -21.54 27.09 3.90
N LYS A 188 -22.45 28.04 4.09
CA LYS A 188 -22.15 29.38 4.67
C LYS A 188 -21.73 29.20 6.14
N LEU A 189 -20.78 30.02 6.61
CA LEU A 189 -20.33 30.04 8.02
C LEU A 189 -21.46 30.60 8.89
N ASN A 190 -21.62 30.04 10.11
CA ASN A 190 -22.60 30.47 11.13
C ASN A 190 -21.87 31.24 12.24
N HIS A 191 -20.57 31.46 12.07
CA HIS A 191 -19.71 32.22 13.00
C HIS A 191 -18.92 33.27 12.21
N ASP A 192 -18.66 34.42 12.83
CA ASP A 192 -17.92 35.57 12.23
C ASP A 192 -16.45 35.19 12.02
N LEU A 193 -15.89 34.33 12.88
CA LEU A 193 -14.41 34.15 12.99
C LEU A 193 -14.04 32.70 13.32
N TYR A 194 -14.77 31.73 12.76
CA TYR A 194 -14.43 30.28 12.85
C TYR A 194 -15.02 29.55 11.63
N TRP A 195 -14.29 28.53 11.17
CA TRP A 195 -14.72 27.64 10.06
C TRP A 195 -15.73 26.64 10.63
N GLN A 196 -16.97 27.09 10.79
CA GLN A 196 -18.08 26.41 11.50
C GLN A 196 -19.35 26.60 10.68
N ILE A 197 -20.05 25.50 10.39
CA ILE A 197 -21.28 25.48 9.53
C ILE A 197 -22.39 24.78 10.31
N THR A 198 -23.63 24.95 9.86
CA THR A 198 -24.84 24.33 10.48
C THR A 198 -25.24 23.10 9.66
N LEU A 199 -25.27 21.92 10.29
CA LEU A 199 -25.74 20.66 9.68
C LEU A 199 -26.64 19.92 10.68
N ASP A 200 -27.74 19.35 10.21
CA ASP A 200 -28.48 18.28 10.94
C ASP A 200 -27.57 17.06 10.99
N ALA A 201 -27.34 16.50 12.18
CA ALA A 201 -26.49 15.31 12.42
C ALA A 201 -27.39 14.12 12.78
N HIS A 202 -27.37 13.07 11.94
CA HIS A 202 -28.12 11.81 12.13
C HIS A 202 -27.13 10.65 12.26
N VAL A 203 -27.21 9.88 13.36
CA VAL A 203 -26.42 8.62 13.55
C VAL A 203 -27.39 7.54 14.02
N GLY A 204 -27.78 6.63 13.12
CA GLY A 204 -28.86 5.66 13.35
C GLY A 204 -30.17 6.37 13.64
N ASN A 205 -30.74 6.16 14.83
CA ASN A 205 -32.10 6.65 15.22
C ASN A 205 -32.01 8.00 15.93
N ILE A 206 -30.81 8.46 16.31
CA ILE A 206 -30.63 9.72 17.09
C ILE A 206 -30.17 10.84 16.16
N MET A 207 -30.63 12.07 16.43
CA MET A 207 -30.28 13.26 15.62
C MET A 207 -30.12 14.48 16.54
N LEU A 208 -29.27 15.40 16.13
CA LEU A 208 -29.20 16.79 16.67
C LEU A 208 -29.50 17.73 15.50
N GLU A 209 -30.60 18.50 15.62
CA GLU A 209 -31.08 19.47 14.60
C GLU A 209 -30.16 20.69 14.61
N LYS A 210 -29.80 21.19 13.41
CA LYS A 210 -29.02 22.44 13.22
C LYS A 210 -27.83 22.46 14.19
N ALA A 211 -27.01 21.40 14.19
CA ALA A 211 -25.79 21.28 15.03
C ALA A 211 -24.70 22.19 14.46
N ASN A 212 -23.93 22.84 15.33
CA ASN A 212 -22.65 23.51 15.00
C ASN A 212 -21.65 22.44 14.57
N CYS A 213 -21.07 22.56 13.38
CA CYS A 213 -20.06 21.60 12.85
C CYS A 213 -18.82 22.39 12.41
N ILE A 214 -17.71 22.17 13.11
CA ILE A 214 -16.39 22.78 12.78
C ILE A 214 -15.71 21.86 11.76
N VAL A 215 -15.26 22.40 10.63
CA VAL A 215 -14.41 21.61 9.68
C VAL A 215 -12.96 21.92 10.04
N ASP A 216 -12.32 20.98 10.74
CA ASP A 216 -11.05 21.23 11.46
C ASP A 216 -9.97 20.26 10.94
N SER A 217 -9.03 20.78 10.15
CA SER A 217 -7.86 20.02 9.66
C SER A 217 -6.91 19.66 10.81
N GLY A 218 -7.02 20.39 11.96
CA GLY A 218 -6.09 20.29 13.10
C GLY A 218 -6.61 19.42 14.24
N THR A 219 -7.73 18.70 14.04
CA THR A 219 -8.24 17.69 15.00
C THR A 219 -8.18 16.31 14.34
N SER A 220 -7.43 15.38 14.93
CA SER A 220 -7.14 14.06 14.33
C SER A 220 -8.25 13.06 14.69
N ALA A 221 -9.48 13.52 14.88
CA ALA A 221 -10.65 12.71 15.29
C ALA A 221 -11.94 13.40 14.84
N ILE A 222 -13.04 12.66 14.84
CA ILE A 222 -14.41 13.21 14.97
C ILE A 222 -14.65 13.36 16.47
N THR A 223 -15.08 14.55 16.90
CA THR A 223 -15.61 14.79 18.26
C THR A 223 -17.12 14.97 18.15
N VAL A 224 -17.85 14.39 19.12
CA VAL A 224 -19.33 14.50 19.19
C VAL A 224 -19.68 14.91 20.61
N PRO A 225 -20.87 15.52 20.84
CA PRO A 225 -21.30 15.83 22.20
C PRO A 225 -21.39 14.53 23.03
N THR A 226 -21.08 14.60 24.33
CA THR A 226 -20.94 13.41 25.22
C THR A 226 -22.29 12.68 25.33
N ASP A 227 -23.39 13.42 25.50
CA ASP A 227 -24.78 12.88 25.56
CA ASP A 227 -24.77 12.87 25.57
C ASP A 227 -25.06 12.08 24.28
N PHE A 228 -24.76 12.69 23.14
CA PHE A 228 -24.93 12.11 21.78
C PHE A 228 -24.13 10.81 21.69
N LEU A 229 -22.86 10.83 22.11
CA LEU A 229 -21.95 9.66 22.07
C LEU A 229 -22.52 8.54 22.95
N ASN A 230 -22.97 8.85 24.16
CA ASN A 230 -23.55 7.84 25.09
C ASN A 230 -24.74 7.15 24.38
N LYS A 231 -25.60 7.92 23.71
CA LYS A 231 -26.78 7.39 22.97
C LYS A 231 -26.31 6.50 21.80
N MET A 232 -25.31 6.96 21.04
CA MET A 232 -24.74 6.23 19.88
C MET A 232 -24.27 4.83 20.28
N LEU A 233 -23.56 4.73 21.41
CA LEU A 233 -22.79 3.53 21.80
C LEU A 233 -23.67 2.53 22.59
N GLN A 234 -24.91 2.89 22.93
CA GLN A 234 -25.83 2.03 23.74
C GLN A 234 -26.01 0.70 22.99
N ASN A 235 -25.61 -0.42 23.61
N ASN A 235 -25.54 -0.39 23.60
CA ASN A 235 -25.82 -1.81 23.12
CA ASN A 235 -25.73 -1.79 23.13
C ASN A 235 -25.03 -2.07 21.83
C ASN A 235 -25.02 -2.02 21.79
N LEU A 236 -23.98 -1.28 21.56
N LEU A 236 -23.95 -1.26 21.51
CA LEU A 236 -23.19 -1.35 20.29
CA LEU A 236 -23.17 -1.35 20.25
C LEU A 236 -22.08 -2.41 20.37
C LEU A 236 -22.09 -2.45 20.35
N ASP A 237 -21.88 -3.03 21.54
CA ASP A 237 -20.82 -4.05 21.77
C ASP A 237 -19.42 -3.43 21.60
N VAL A 238 -19.26 -2.18 22.02
CA VAL A 238 -17.93 -1.50 22.08
C VAL A 238 -17.55 -1.32 23.56
N ILE A 239 -16.25 -1.30 23.83
CA ILE A 239 -15.69 -1.25 25.21
C ILE A 239 -14.67 -0.11 25.26
N LYS A 240 -14.85 0.81 26.21
CA LYS A 240 -13.91 1.94 26.44
C LYS A 240 -12.61 1.40 27.04
N VAL A 241 -11.49 1.95 26.60
CA VAL A 241 -10.16 1.67 27.20
C VAL A 241 -10.18 2.24 28.61
N PRO A 242 -9.71 1.49 29.64
CA PRO A 242 -9.56 2.04 30.99
C PRO A 242 -8.75 3.35 31.00
N PHE A 243 -9.28 4.42 31.62
CA PHE A 243 -8.57 5.69 31.93
C PHE A 243 -8.49 6.61 30.70
N LEU A 244 -8.99 6.18 29.55
CA LEU A 244 -8.85 6.92 28.26
C LEU A 244 -10.20 7.02 27.55
N PRO A 245 -10.49 8.17 26.90
CA PRO A 245 -11.80 8.42 26.31
C PRO A 245 -11.97 7.80 24.91
N PHE A 246 -11.36 6.64 24.68
CA PHE A 246 -11.30 5.92 23.38
C PHE A 246 -12.04 4.59 23.50
N TYR A 247 -12.79 4.23 22.45
CA TYR A 247 -13.62 3.00 22.39
C TYR A 247 -13.02 2.03 21.37
N VAL A 248 -13.00 0.76 21.77
CA VAL A 248 -12.50 -0.39 20.96
C VAL A 248 -13.72 -1.21 20.56
N THR A 249 -13.67 -1.77 19.35
CA THR A 249 -14.74 -2.55 18.71
C THR A 249 -14.06 -3.67 17.90
N LEU A 250 -14.79 -4.74 17.59
CA LEU A 250 -14.41 -5.62 16.47
C LEU A 250 -14.53 -4.77 15.19
N CYS A 251 -13.54 -4.84 14.30
CA CYS A 251 -13.51 -4.04 13.04
C CYS A 251 -14.77 -4.34 12.21
N ASN A 252 -15.29 -5.57 12.30
CA ASN A 252 -16.40 -6.11 11.48
C ASN A 252 -17.77 -5.94 12.18
N ASN A 253 -17.82 -5.19 13.28
CA ASN A 253 -19.07 -4.94 14.06
C ASN A 253 -20.06 -4.18 13.19
N SER A 254 -21.11 -4.85 12.71
CA SER A 254 -22.10 -4.30 11.74
C SER A 254 -23.17 -3.45 12.45
N LYS A 255 -23.09 -3.30 13.79
CA LYS A 255 -23.90 -2.28 14.52
C LYS A 255 -23.31 -0.87 14.34
N LEU A 256 -22.03 -0.74 13.97
CA LEU A 256 -21.36 0.57 13.87
C LEU A 256 -22.14 1.43 12.88
N PRO A 257 -22.53 2.66 13.27
CA PRO A 257 -23.41 3.47 12.44
C PRO A 257 -22.66 4.32 11.41
N THR A 258 -23.40 4.82 10.42
CA THR A 258 -22.92 5.83 9.44
C THR A 258 -23.42 7.19 9.91
N PHE A 259 -22.49 8.12 10.17
CA PHE A 259 -22.82 9.56 10.36
C PHE A 259 -23.49 10.05 9.09
N GLU A 260 -24.60 10.77 9.22
CA GLU A 260 -25.27 11.48 8.09
C GLU A 260 -25.44 12.94 8.51
N PHE A 261 -24.81 13.86 7.77
CA PHE A 261 -24.87 15.32 7.98
C PHE A 261 -25.56 15.94 6.76
N THR A 262 -26.65 16.68 6.99
CA THR A 262 -27.50 17.26 5.94
C THR A 262 -27.62 18.77 6.16
N SER A 263 -27.54 19.53 5.06
CA SER A 263 -27.85 20.97 4.94
C SER A 263 -29.04 21.12 3.99
N GLU A 264 -29.41 22.34 3.62
CA GLU A 264 -30.50 22.58 2.64
C GLU A 264 -30.08 22.00 1.28
N ASN A 265 -28.79 22.02 0.95
CA ASN A 265 -28.29 21.70 -0.42
C ASN A 265 -27.27 20.56 -0.44
N GLY A 266 -26.93 19.96 0.72
CA GLY A 266 -25.87 18.95 0.80
C GLY A 266 -26.26 17.77 1.69
N LYS A 267 -25.67 16.61 1.42
CA LYS A 267 -25.69 15.41 2.29
C LYS A 267 -24.27 14.84 2.32
N TYR A 268 -23.70 14.71 3.52
CA TYR A 268 -22.37 14.15 3.80
C TYR A 268 -22.54 12.98 4.77
N THR A 269 -21.97 11.82 4.43
CA THR A 269 -22.04 10.58 5.26
C THR A 269 -20.61 10.17 5.62
N LEU A 270 -20.43 9.59 6.81
CA LEU A 270 -19.11 9.05 7.23
C LEU A 270 -19.33 7.64 7.78
N GLU A 271 -19.05 6.65 6.92
CA GLU A 271 -19.21 5.20 7.18
C GLU A 271 -18.09 4.73 8.11
N PRO A 272 -18.27 3.58 8.80
CA PRO A 272 -17.30 3.12 9.79
C PRO A 272 -15.85 3.00 9.29
N GLU A 273 -15.63 2.60 8.03
CA GLU A 273 -14.27 2.44 7.44
C GLU A 273 -13.47 3.75 7.56
N TYR A 274 -14.14 4.90 7.62
CA TYR A 274 -13.50 6.25 7.69
C TYR A 274 -13.17 6.66 9.14
N TYR A 275 -13.79 6.07 10.16
CA TYR A 275 -13.51 6.43 11.57
C TYR A 275 -12.96 5.24 12.38
N LEU A 276 -12.72 4.10 11.74
CA LEU A 276 -12.09 2.91 12.39
C LEU A 276 -10.58 2.99 12.21
N GLN A 277 -9.85 2.71 13.29
CA GLN A 277 -8.37 2.57 13.32
C GLN A 277 -8.04 1.13 13.73
N HIS A 278 -7.44 0.36 12.82
CA HIS A 278 -6.97 -1.03 13.04
C HIS A 278 -5.83 -1.00 14.07
N ILE A 279 -5.91 -1.86 15.09
CA ILE A 279 -4.94 -1.91 16.22
C ILE A 279 -4.63 -3.39 16.51
N GLU A 280 -4.40 -4.17 15.45
CA GLU A 280 -4.33 -5.66 15.50
C GLU A 280 -3.05 -6.11 16.23
N ASP A 281 -2.15 -5.17 16.56
CA ASP A 281 -1.01 -5.39 17.49
C ASP A 281 -1.54 -5.67 18.90
N VAL A 282 -2.72 -5.14 19.25
CA VAL A 282 -3.33 -5.25 20.62
C VAL A 282 -4.14 -6.55 20.72
N GLY A 283 -4.75 -7.01 19.62
CA GLY A 283 -5.52 -8.27 19.55
C GLY A 283 -6.04 -8.56 18.15
N PRO A 284 -6.67 -9.73 17.90
CA PRO A 284 -7.13 -10.09 16.56
C PRO A 284 -8.48 -9.46 16.19
N GLY A 285 -8.50 -8.72 15.08
CA GLY A 285 -9.71 -8.11 14.47
C GLY A 285 -10.27 -6.95 15.29
N LEU A 286 -9.43 -6.28 16.08
CA LEU A 286 -9.85 -5.17 16.98
C LEU A 286 -9.46 -3.82 16.37
N CYS A 287 -10.39 -2.87 16.46
CA CYS A 287 -10.27 -1.49 15.92
C CYS A 287 -10.59 -0.49 17.04
N MET A 288 -9.94 0.67 17.02
CA MET A 288 -10.32 1.86 17.83
C MET A 288 -11.22 2.76 16.97
N LEU A 289 -12.25 3.36 17.59
CA LEU A 289 -13.08 4.41 16.97
C LEU A 289 -12.35 5.74 17.09
N ASN A 290 -12.08 6.40 15.96
CA ASN A 290 -11.47 7.76 15.97
CA ASN A 290 -11.51 7.76 15.82
C ASN A 290 -12.58 8.78 16.22
N ILE A 291 -13.22 8.62 17.38
CA ILE A 291 -14.35 9.44 17.87
C ILE A 291 -14.11 9.69 19.36
N ILE A 292 -14.30 10.91 19.82
CA ILE A 292 -14.24 11.22 21.27
C ILE A 292 -15.40 12.15 21.62
N GLY A 293 -15.91 12.02 22.84
CA GLY A 293 -16.91 12.95 23.37
C GLY A 293 -16.25 14.25 23.75
N LEU A 294 -16.85 15.37 23.37
CA LEU A 294 -16.36 16.73 23.72
C LEU A 294 -17.56 17.67 23.72
N ASP A 295 -17.80 18.32 24.85
CA ASP A 295 -18.97 19.21 25.10
C ASP A 295 -18.52 20.66 24.94
N PHE A 296 -19.15 21.36 23.99
CA PHE A 296 -19.12 22.83 23.82
C PHE A 296 -20.38 23.42 24.44
N PRO A 297 -20.42 24.73 24.78
CA PRO A 297 -21.61 25.34 25.38
C PRO A 297 -22.84 25.16 24.47
N VAL A 298 -22.64 25.17 23.15
CA VAL A 298 -23.65 24.79 22.13
C VAL A 298 -23.29 23.41 21.60
N PRO A 299 -24.26 22.48 21.42
CA PRO A 299 -23.96 21.18 20.82
C PRO A 299 -23.17 21.33 19.52
N THR A 300 -21.96 20.76 19.46
CA THR A 300 -20.96 20.97 18.38
C THR A 300 -20.35 19.62 17.98
N PHE A 301 -20.16 19.40 16.68
CA PHE A 301 -19.31 18.31 16.13
C PHE A 301 -18.03 18.92 15.58
N ILE A 302 -16.89 18.27 15.82
CA ILE A 302 -15.64 18.57 15.07
C ILE A 302 -15.55 17.54 13.95
N LEU A 303 -15.77 17.99 12.71
CA LEU A 303 -15.52 17.19 11.50
C LEU A 303 -14.02 17.31 11.19
N GLY A 304 -13.21 16.54 11.91
CA GLY A 304 -11.74 16.57 11.81
C GLY A 304 -11.22 15.69 10.68
N ASP A 305 -9.97 15.26 10.83
CA ASP A 305 -9.19 14.42 9.88
C ASP A 305 -10.08 13.35 9.24
N PRO A 306 -10.77 12.48 10.00
CA PRO A 306 -11.52 11.37 9.40
C PRO A 306 -12.56 11.81 8.35
N PHE A 307 -13.25 12.93 8.58
CA PHE A 307 -14.23 13.52 7.63
C PHE A 307 -13.49 14.02 6.38
N MET A 308 -12.36 14.70 6.58
CA MET A 308 -11.59 15.40 5.51
C MET A 308 -10.77 14.38 4.70
N ARG A 309 -10.57 13.16 5.21
CA ARG A 309 -9.97 12.03 4.45
C ARG A 309 -10.90 11.65 3.30
N LYS A 310 -12.21 11.65 3.57
CA LYS A 310 -13.28 11.25 2.61
C LYS A 310 -13.67 12.44 1.73
N TYR A 311 -13.86 13.63 2.32
CA TYR A 311 -14.39 14.83 1.61
C TYR A 311 -13.29 15.88 1.40
N PHE A 312 -13.01 16.18 0.12
CA PHE A 312 -12.30 17.40 -0.32
C PHE A 312 -13.02 18.62 0.26
N THR A 313 -12.27 19.64 0.69
CA THR A 313 -12.83 20.84 1.36
C THR A 313 -12.18 22.11 0.82
N VAL A 314 -13.01 23.14 0.61
CA VAL A 314 -12.61 24.49 0.18
C VAL A 314 -12.98 25.48 1.29
N PHE A 315 -12.00 26.21 1.82
CA PHE A 315 -12.19 27.26 2.86
C PHE A 315 -12.05 28.63 2.20
N ASP A 316 -13.17 29.33 2.00
CA ASP A 316 -13.29 30.56 1.17
C ASP A 316 -13.57 31.76 2.09
N TYR A 317 -12.56 32.59 2.34
CA TYR A 317 -12.66 33.76 3.26
C TYR A 317 -13.66 34.78 2.69
N ASP A 318 -13.57 35.05 1.38
CA ASP A 318 -14.31 36.13 0.67
C ASP A 318 -15.81 35.76 0.61
N ASN A 319 -16.15 34.49 0.39
CA ASN A 319 -17.55 34.01 0.30
C ASN A 319 -18.03 33.49 1.67
N GLN A 320 -17.18 33.52 2.70
CA GLN A 320 -17.49 33.09 4.10
C GLN A 320 -18.28 31.79 4.06
N SER A 321 -17.67 30.75 3.49
CA SER A 321 -18.30 29.41 3.29
C SER A 321 -17.21 28.34 3.23
N VAL A 322 -17.60 27.10 3.53
CA VAL A 322 -16.81 25.87 3.26
C VAL A 322 -17.48 25.12 2.12
N GLY A 323 -16.72 24.81 1.08
CA GLY A 323 -17.17 23.94 -0.02
C GLY A 323 -16.80 22.51 0.27
N ILE A 324 -17.73 21.58 0.08
CA ILE A 324 -17.52 20.13 0.37
C ILE A 324 -17.87 19.31 -0.88
N ALA A 325 -16.96 18.42 -1.25
CA ALA A 325 -17.11 17.44 -2.34
C ALA A 325 -16.36 16.16 -1.98
N LEU A 326 -16.87 15.02 -2.46
CA LEU A 326 -16.19 13.70 -2.33
C LEU A 326 -14.79 13.83 -2.91
N ALA A 327 -13.77 13.48 -2.12
CA ALA A 327 -12.35 13.45 -2.52
C ALA A 327 -12.15 12.34 -3.57
N LYS A 328 -11.49 12.66 -4.68
CA LYS A 328 -11.06 11.66 -5.69
C LYS A 328 -10.21 10.59 -4.97
N LYS A 329 -10.42 9.31 -5.30
CA LYS A 329 -9.70 8.17 -4.66
C LYS A 329 -8.23 8.21 -5.11
N ASN A 330 -7.97 7.83 -6.37
CA ASN A 330 -6.62 7.73 -6.97
C ASN A 330 -6.39 8.98 -7.83
N LEU A 331 -5.19 9.59 -7.73
CA LEU A 331 -4.83 10.85 -8.44
C LEU A 331 -5.43 12.03 -7.68
N SER B 4 19.53 -1.12 0.37
CA SER B 4 19.11 -1.67 -0.96
C SER B 4 18.19 -2.89 -0.76
N ASN B 5 17.52 -3.32 -1.83
CA ASN B 5 16.60 -4.50 -1.84
C ASN B 5 17.43 -5.77 -1.65
N ASP B 6 16.87 -6.78 -0.99
CA ASP B 6 17.49 -8.12 -0.86
C ASP B 6 17.07 -8.97 -2.08
N ASN B 7 18.06 -9.52 -2.79
CA ASN B 7 17.87 -10.37 -3.99
C ASN B 7 18.14 -11.82 -3.61
N ILE B 8 17.82 -12.73 -4.52
CA ILE B 8 18.21 -14.18 -4.44
C ILE B 8 18.42 -14.68 -5.88
N GLU B 9 19.61 -15.22 -6.15
CA GLU B 9 20.08 -15.56 -7.52
C GLU B 9 19.25 -16.71 -8.09
N LEU B 10 18.74 -16.52 -9.31
CA LEU B 10 17.97 -17.55 -10.06
C LEU B 10 18.90 -18.20 -11.09
N VAL B 11 19.15 -19.50 -10.94
CA VAL B 11 20.09 -20.30 -11.76
C VAL B 11 19.26 -21.12 -12.76
N ASP B 12 19.54 -20.94 -14.06
CA ASP B 12 18.91 -21.73 -15.15
C ASP B 12 19.42 -23.16 -15.09
N PHE B 13 18.56 -24.13 -15.40
CA PHE B 13 18.93 -25.57 -15.53
C PHE B 13 18.37 -26.12 -16.83
N GLN B 14 19.25 -26.35 -17.81
CA GLN B 14 18.97 -26.99 -19.11
C GLN B 14 17.98 -26.15 -19.92
N ASN B 15 17.99 -24.82 -19.70
CA ASN B 15 17.15 -23.81 -20.41
C ASN B 15 15.66 -24.17 -20.31
N ILE B 16 15.24 -24.87 -19.26
CA ILE B 16 13.83 -25.35 -19.13
C ILE B 16 13.30 -25.10 -17.71
N MET B 17 14.17 -25.16 -16.70
CA MET B 17 13.85 -24.80 -15.30
C MET B 17 14.75 -23.65 -14.83
N PHE B 18 14.41 -23.05 -13.69
CA PHE B 18 15.26 -22.10 -12.95
C PHE B 18 14.95 -22.24 -11.46
N TYR B 19 15.98 -22.30 -10.63
CA TYR B 19 15.84 -22.48 -9.16
C TYR B 19 16.57 -21.36 -8.42
N GLY B 20 16.17 -21.17 -7.16
CA GLY B 20 16.80 -20.27 -6.19
C GLY B 20 17.00 -20.97 -4.86
N ASP B 21 17.98 -20.54 -4.08
CA ASP B 21 18.34 -21.16 -2.78
C ASP B 21 17.80 -20.27 -1.65
N ALA B 22 17.29 -20.91 -0.59
CA ALA B 22 16.92 -20.29 0.70
C ALA B 22 17.23 -21.29 1.82
N GLU B 23 17.22 -20.83 3.07
CA GLU B 23 17.65 -21.63 4.24
C GLU B 23 16.48 -21.85 5.20
N VAL B 24 16.43 -23.03 5.83
CA VAL B 24 15.47 -23.40 6.91
C VAL B 24 16.28 -23.94 8.10
N GLY B 25 16.12 -23.34 9.28
CA GLY B 25 16.81 -23.74 10.52
C GLY B 25 17.88 -22.75 10.93
N ASP B 26 18.21 -22.72 12.22
CA ASP B 26 19.22 -21.82 12.84
C ASP B 26 20.61 -22.15 12.30
N ASN B 27 20.81 -23.39 11.85
CA ASN B 27 22.11 -23.91 11.38
C ASN B 27 22.21 -23.73 9.85
N GLN B 28 21.38 -22.85 9.27
CA GLN B 28 21.46 -22.39 7.86
C GLN B 28 21.56 -23.59 6.91
N GLN B 29 20.71 -24.61 7.12
CA GLN B 29 20.58 -25.78 6.22
C GLN B 29 20.09 -25.27 4.87
N PRO B 30 20.92 -25.31 3.79
CA PRO B 30 20.60 -24.65 2.53
C PRO B 30 19.88 -25.54 1.50
N PHE B 31 18.81 -25.03 0.89
CA PHE B 31 17.94 -25.81 -0.04
C PHE B 31 17.80 -25.07 -1.37
N THR B 32 17.66 -25.84 -2.44
CA THR B 32 17.34 -25.36 -3.82
C THR B 32 15.83 -25.51 -4.05
N PHE B 33 15.17 -24.42 -4.43
CA PHE B 33 13.69 -24.32 -4.53
C PHE B 33 13.25 -24.02 -5.96
N ILE B 34 12.10 -24.56 -6.35
CA ILE B 34 11.19 -23.91 -7.33
C ILE B 34 10.51 -22.76 -6.58
N LEU B 35 10.65 -21.54 -7.09
CA LEU B 35 9.98 -20.33 -6.57
C LEU B 35 8.67 -20.15 -7.34
N ASP B 36 7.54 -20.40 -6.67
CA ASP B 36 6.23 -20.69 -7.29
C ASP B 36 5.20 -19.63 -6.88
N THR B 37 4.93 -18.67 -7.78
CA THR B 37 3.84 -17.67 -7.63
C THR B 37 2.48 -18.37 -7.69
N GLY B 38 2.41 -19.61 -8.20
CA GLY B 38 1.15 -20.35 -8.35
C GLY B 38 0.78 -21.20 -7.13
N SER B 39 1.50 -21.07 -6.01
CA SER B 39 1.18 -21.76 -4.71
C SER B 39 1.58 -20.85 -3.53
N ALA B 40 1.17 -21.22 -2.30
CA ALA B 40 1.27 -20.36 -1.10
C ALA B 40 1.75 -21.16 0.12
N ASN B 41 2.54 -22.21 -0.09
CA ASN B 41 3.20 -22.97 1.02
C ASN B 41 4.67 -23.18 0.67
N LEU B 42 5.52 -23.23 1.71
CA LEU B 42 6.95 -23.63 1.63
C LEU B 42 7.05 -25.07 2.09
N TRP B 43 7.80 -25.93 1.38
CA TRP B 43 8.08 -27.30 1.85
C TRP B 43 9.53 -27.69 1.53
N VAL B 44 10.12 -28.48 2.42
CA VAL B 44 11.47 -29.08 2.28
C VAL B 44 11.37 -30.56 2.64
N PRO B 45 12.15 -31.43 1.98
CA PRO B 45 12.18 -32.86 2.31
C PRO B 45 12.88 -33.06 3.65
N SER B 46 12.36 -34.00 4.45
CA SER B 46 12.83 -34.29 5.83
C SER B 46 13.88 -35.40 5.82
N VAL B 47 14.75 -35.44 6.83
CA VAL B 47 15.63 -36.60 7.12
C VAL B 47 14.74 -37.82 7.43
N LYS B 48 13.48 -37.59 7.82
CA LYS B 48 12.47 -38.64 8.13
C LYS B 48 11.79 -39.12 6.84
N CYS B 49 12.18 -38.58 5.69
CA CYS B 49 11.60 -38.94 4.38
C CYS B 49 11.90 -40.41 4.07
N THR B 50 10.89 -41.15 3.60
CA THR B 50 10.92 -42.63 3.45
C THR B 50 10.90 -43.03 1.97
N THR B 51 11.17 -42.09 1.05
CA THR B 51 10.96 -42.29 -0.40
C THR B 51 12.28 -42.10 -1.16
N ALA B 52 12.39 -42.72 -2.33
CA ALA B 52 13.60 -42.80 -3.17
C ALA B 52 14.08 -41.39 -3.55
N GLY B 53 13.16 -40.47 -3.83
CA GLY B 53 13.45 -39.10 -4.28
C GLY B 53 14.36 -38.35 -3.31
N CYS B 54 14.20 -38.61 -2.01
CA CYS B 54 14.88 -37.86 -0.90
C CYS B 54 16.36 -38.26 -0.78
N LEU B 55 16.74 -39.43 -1.30
CA LEU B 55 18.15 -39.93 -1.31
C LEU B 55 19.10 -38.94 -1.99
N THR B 56 18.60 -38.12 -2.91
CA THR B 56 19.41 -37.28 -3.84
C THR B 56 19.26 -35.79 -3.51
N LYS B 57 18.82 -35.46 -2.29
CA LYS B 57 18.35 -34.10 -1.93
C LYS B 57 19.00 -33.62 -0.62
N HIS B 58 19.09 -32.30 -0.44
CA HIS B 58 19.33 -31.63 0.85
C HIS B 58 18.10 -31.86 1.73
N LEU B 59 18.27 -32.45 2.91
CA LEU B 59 17.16 -32.85 3.81
C LEU B 59 17.21 -32.02 5.09
N TYR B 60 16.04 -31.64 5.61
CA TYR B 60 15.86 -30.81 6.82
C TYR B 60 15.91 -31.70 8.06
N ASP B 61 16.82 -31.40 8.99
CA ASP B 61 16.96 -32.09 10.29
C ASP B 61 16.57 -31.12 11.41
N SER B 62 15.32 -31.24 11.90
CA SER B 62 14.73 -30.38 12.96
C SER B 62 15.53 -30.51 14.26
N SER B 63 16.11 -31.69 14.52
CA SER B 63 16.87 -32.02 15.75
C SER B 63 18.18 -31.22 15.82
N LYS B 64 18.67 -30.70 14.69
CA LYS B 64 19.94 -29.92 14.59
C LYS B 64 19.67 -28.42 14.72
N SER B 65 18.40 -28.00 14.65
CA SER B 65 17.97 -26.57 14.74
C SER B 65 17.33 -26.29 16.10
N ARG B 66 17.81 -25.28 16.82
CA ARG B 66 17.31 -24.89 18.17
C ARG B 66 16.18 -23.86 18.04
N THR B 67 15.94 -23.30 16.84
CA THR B 67 14.84 -22.36 16.53
C THR B 67 13.62 -23.15 16.00
N TYR B 68 13.78 -24.45 15.78
CA TYR B 68 12.70 -25.39 15.40
C TYR B 68 11.62 -25.38 16.48
N GLU B 69 10.35 -25.22 16.08
CA GLU B 69 9.16 -25.42 16.95
C GLU B 69 8.29 -26.49 16.30
N LYS B 70 8.03 -27.58 17.03
CA LYS B 70 7.21 -28.73 16.54
C LYS B 70 5.76 -28.26 16.31
N ASP B 71 5.10 -28.84 15.32
CA ASP B 71 3.65 -28.69 15.06
C ASP B 71 3.09 -30.11 14.88
N GLY B 72 3.34 -30.74 13.72
CA GLY B 72 3.07 -32.16 13.47
C GLY B 72 1.72 -32.40 12.81
N THR B 73 0.87 -31.36 12.70
CA THR B 73 -0.38 -31.35 11.91
C THR B 73 -0.07 -31.93 10.52
N LYS B 74 -0.73 -33.03 10.15
CA LYS B 74 -0.47 -33.76 8.88
C LYS B 74 -1.01 -32.93 7.73
N VAL B 75 -0.28 -32.89 6.62
CA VAL B 75 -0.58 -32.06 5.41
CA VAL B 75 -0.62 -32.07 5.42
C VAL B 75 -0.32 -32.90 4.16
N GLU B 76 -1.19 -32.74 3.15
CA GLU B 76 -1.01 -33.27 1.78
C GLU B 76 -1.10 -32.08 0.82
N MET B 77 0.02 -31.74 0.15
CA MET B 77 0.07 -30.66 -0.88
C MET B 77 -0.14 -31.27 -2.25
N ASN B 78 -1.27 -30.97 -2.89
CA ASN B 78 -1.66 -31.51 -4.22
C ASN B 78 -1.43 -30.42 -5.27
N TYR B 79 -0.36 -30.57 -6.05
CA TYR B 79 -0.10 -29.75 -7.26
C TYR B 79 -0.73 -30.44 -8.46
N VAL B 80 -0.91 -29.66 -9.52
CA VAL B 80 -1.40 -30.15 -10.84
C VAL B 80 -0.55 -31.35 -11.26
N SER B 81 0.78 -31.27 -11.08
CA SER B 81 1.75 -32.25 -11.66
C SER B 81 2.30 -33.20 -10.60
N GLY B 82 1.88 -33.09 -9.34
CA GLY B 82 2.28 -34.09 -8.33
C GLY B 82 1.82 -33.76 -6.93
N THR B 83 2.00 -34.72 -6.03
CA THR B 83 1.63 -34.62 -4.60
C THR B 83 2.85 -34.94 -3.73
N VAL B 84 3.04 -34.14 -2.68
CA VAL B 84 3.97 -34.44 -1.54
C VAL B 84 3.12 -34.40 -0.27
N SER B 85 3.49 -35.19 0.73
CA SER B 85 2.78 -35.25 2.03
C SER B 85 3.81 -35.23 3.15
N GLY B 86 3.40 -34.71 4.32
CA GLY B 86 4.22 -34.64 5.53
C GLY B 86 3.42 -34.06 6.67
N PHE B 87 4.03 -33.12 7.40
CA PHE B 87 3.42 -32.43 8.56
C PHE B 87 4.02 -31.02 8.67
N PHE B 88 3.27 -30.11 9.29
CA PHE B 88 3.71 -28.72 9.55
C PHE B 88 4.80 -28.74 10.62
N SER B 89 5.84 -27.96 10.37
CA SER B 89 6.91 -27.58 11.34
C SER B 89 7.03 -26.06 11.31
N LYS B 90 7.77 -25.48 12.26
CA LYS B 90 8.04 -24.02 12.30
C LYS B 90 9.51 -23.84 12.67
N ASP B 91 10.19 -22.95 11.95
CA ASP B 91 11.65 -22.70 12.11
C ASP B 91 11.99 -21.38 11.41
N LEU B 92 13.24 -20.92 11.55
CA LEU B 92 13.74 -19.70 10.87
C LEU B 92 13.90 -20.00 9.38
N VAL B 93 13.22 -19.21 8.54
CA VAL B 93 13.38 -19.22 7.06
C VAL B 93 14.14 -17.95 6.67
N THR B 94 15.26 -18.10 5.96
CA THR B 94 16.13 -17.00 5.48
C THR B 94 16.08 -16.95 3.96
N VAL B 95 15.67 -15.81 3.40
CA VAL B 95 15.65 -15.55 1.92
C VAL B 95 16.52 -14.32 1.65
N GLY B 96 17.66 -14.53 0.99
CA GLY B 96 18.73 -13.53 0.86
C GLY B 96 19.40 -13.29 2.20
N ASN B 97 19.20 -12.09 2.77
CA ASN B 97 19.68 -11.70 4.12
C ASN B 97 18.48 -11.48 5.06
N LEU B 98 17.26 -11.72 4.56
CA LEU B 98 16.00 -11.46 5.32
C LEU B 98 15.54 -12.76 5.97
N SER B 99 15.23 -12.72 7.27
CA SER B 99 14.90 -13.87 8.14
C SER B 99 13.54 -13.64 8.82
N LEU B 100 12.79 -14.71 9.09
CA LEU B 100 11.55 -14.67 9.93
C LEU B 100 11.16 -16.09 10.35
N PRO B 101 10.62 -16.27 11.58
CA PRO B 101 10.03 -17.54 11.97
C PRO B 101 8.87 -17.83 11.01
N TYR B 102 8.73 -19.07 10.55
CA TYR B 102 7.78 -19.43 9.47
C TYR B 102 7.27 -20.86 9.61
N LYS B 103 5.99 -21.05 9.29
CA LYS B 103 5.28 -22.35 9.25
C LYS B 103 5.40 -22.93 7.83
N PHE B 104 6.15 -24.02 7.68
CA PHE B 104 6.44 -24.72 6.40
C PHE B 104 6.03 -26.19 6.54
N ILE B 105 5.96 -26.91 5.43
CA ILE B 105 5.64 -28.37 5.40
C ILE B 105 6.95 -29.17 5.42
N GLU B 106 7.12 -30.02 6.43
CA GLU B 106 8.21 -31.03 6.51
C GLU B 106 7.73 -32.27 5.77
N VAL B 107 8.26 -32.53 4.57
CA VAL B 107 7.74 -33.58 3.62
C VAL B 107 8.45 -34.91 3.92
N ILE B 108 7.68 -36.01 4.02
CA ILE B 108 8.19 -37.37 4.35
C ILE B 108 7.80 -38.38 3.26
N ASP B 109 6.95 -38.02 2.29
CA ASP B 109 6.58 -38.89 1.15
C ASP B 109 6.55 -38.05 -0.13
N THR B 110 7.44 -38.34 -1.09
CA THR B 110 7.55 -37.67 -2.42
C THR B 110 7.24 -38.65 -3.54
N ASN B 111 6.70 -39.83 -3.23
CA ASN B 111 6.34 -40.85 -4.26
C ASN B 111 5.43 -40.19 -5.31
N GLY B 112 4.49 -39.34 -4.86
CA GLY B 112 3.52 -38.66 -5.74
C GLY B 112 4.12 -37.55 -6.57
N PHE B 113 5.44 -37.32 -6.51
CA PHE B 113 6.15 -36.19 -7.17
C PHE B 113 7.12 -36.71 -8.24
N GLU B 114 7.04 -38.00 -8.61
CA GLU B 114 7.97 -38.67 -9.55
C GLU B 114 7.28 -38.83 -10.90
N PRO B 115 8.02 -38.77 -12.04
CA PRO B 115 9.49 -38.73 -12.05
C PRO B 115 10.19 -37.37 -11.93
N THR B 116 9.44 -36.26 -11.90
CA THR B 116 10.00 -34.87 -11.88
C THR B 116 11.05 -34.73 -10.77
N TYR B 117 10.74 -35.16 -9.54
CA TYR B 117 11.54 -34.87 -8.32
C TYR B 117 12.96 -35.43 -8.46
N THR B 118 13.09 -36.73 -8.75
CA THR B 118 14.38 -37.45 -8.91
C THR B 118 15.16 -36.88 -10.11
N ALA B 119 14.48 -36.44 -11.17
CA ALA B 119 15.09 -35.96 -12.44
C ALA B 119 15.55 -34.50 -12.30
N SER B 120 15.08 -33.79 -11.27
CA SER B 120 15.34 -32.34 -11.03
C SER B 120 16.29 -32.16 -9.86
N THR B 121 16.95 -30.99 -9.77
CA THR B 121 17.97 -30.66 -8.74
CA THR B 121 17.97 -30.71 -8.72
C THR B 121 17.29 -30.01 -7.51
N PHE B 122 16.07 -29.50 -7.68
CA PHE B 122 15.35 -28.76 -6.61
C PHE B 122 15.00 -29.73 -5.46
N ASP B 123 15.10 -29.23 -4.23
CA ASP B 123 14.81 -30.00 -2.98
C ASP B 123 13.33 -29.85 -2.63
N GLY B 124 12.79 -28.63 -2.80
CA GLY B 124 11.40 -28.31 -2.42
C GLY B 124 10.85 -27.16 -3.24
N ILE B 125 9.73 -26.61 -2.77
CA ILE B 125 8.99 -25.49 -3.44
C ILE B 125 8.73 -24.39 -2.40
N LEU B 126 9.06 -23.16 -2.77
CA LEU B 126 8.77 -21.93 -1.99
C LEU B 126 7.59 -21.22 -2.68
N GLY B 127 6.43 -21.20 -2.01
CA GLY B 127 5.22 -20.53 -2.50
C GLY B 127 5.34 -19.03 -2.40
N LEU B 128 4.91 -18.29 -3.43
CA LEU B 128 4.89 -16.81 -3.43
C LEU B 128 3.46 -16.34 -3.76
N GLY B 129 2.46 -17.14 -3.39
CA GLY B 129 1.03 -16.89 -3.64
C GLY B 129 0.39 -16.11 -2.49
N TRP B 130 -0.94 -16.19 -2.40
CA TRP B 130 -1.79 -15.44 -1.45
C TRP B 130 -2.16 -16.34 -0.26
N LYS B 131 -2.41 -15.73 0.90
CA LYS B 131 -2.67 -16.45 2.17
C LYS B 131 -3.85 -17.42 2.00
N ASP B 132 -4.94 -16.99 1.37
CA ASP B 132 -6.21 -17.75 1.32
C ASP B 132 -6.09 -18.95 0.37
N LEU B 133 -5.00 -19.02 -0.42
CA LEU B 133 -4.65 -20.21 -1.23
C LEU B 133 -3.86 -21.22 -0.38
N SER B 134 -3.20 -20.78 0.69
CA SER B 134 -2.25 -21.59 1.50
C SER B 134 -3.01 -22.67 2.29
N ILE B 135 -2.34 -23.78 2.60
CA ILE B 135 -2.74 -24.76 3.64
C ILE B 135 -2.26 -24.21 4.99
N GLY B 136 -3.12 -24.24 6.02
CA GLY B 136 -2.79 -23.87 7.40
C GLY B 136 -2.77 -22.38 7.65
N SER B 137 -3.39 -21.59 6.77
CA SER B 137 -3.55 -20.11 6.90
C SER B 137 -2.18 -19.47 7.18
N VAL B 138 -1.24 -19.62 6.24
CA VAL B 138 0.16 -19.12 6.37
C VAL B 138 0.28 -17.78 5.65
N ASP B 139 0.65 -16.73 6.38
CA ASP B 139 0.91 -15.37 5.82
C ASP B 139 2.01 -15.50 4.77
N PRO B 140 1.85 -14.95 3.54
CA PRO B 140 2.92 -14.98 2.55
C PRO B 140 4.22 -14.39 3.11
N ILE B 141 5.37 -14.90 2.66
CA ILE B 141 6.73 -14.52 3.16
C ILE B 141 6.90 -13.01 3.00
N VAL B 142 6.61 -12.47 1.82
CA VAL B 142 6.86 -11.05 1.43
C VAL B 142 5.93 -10.13 2.25
N VAL B 143 4.67 -10.53 2.42
CA VAL B 143 3.63 -9.79 3.19
C VAL B 143 4.08 -9.71 4.66
N GLU B 144 4.61 -10.80 5.21
CA GLU B 144 5.05 -10.90 6.62
C GLU B 144 6.25 -9.97 6.83
N LEU B 145 7.23 -10.01 5.92
CA LEU B 145 8.46 -9.16 5.97
C LEU B 145 8.05 -7.67 5.94
N LYS B 146 7.09 -7.32 5.09
CA LYS B 146 6.53 -5.94 4.98
C LYS B 146 5.93 -5.53 6.32
N ASN B 147 5.01 -6.33 6.87
CA ASN B 147 4.30 -6.08 8.15
C ASN B 147 5.31 -5.93 9.30
N GLN B 148 6.48 -6.57 9.18
CA GLN B 148 7.58 -6.54 10.19
C GLN B 148 8.56 -5.39 9.89
N ASN B 149 8.32 -4.62 8.82
CA ASN B 149 9.08 -3.40 8.42
C ASN B 149 10.51 -3.79 8.01
N LYS B 150 10.70 -4.99 7.45
CA LYS B 150 12.01 -5.52 7.03
C LYS B 150 12.26 -5.18 5.55
N ILE B 151 11.20 -4.85 4.80
CA ILE B 151 11.27 -4.40 3.38
C ILE B 151 10.30 -3.23 3.17
N GLU B 152 10.54 -2.42 2.14
CA GLU B 152 9.84 -1.12 1.89
C GLU B 152 8.42 -1.38 1.36
N ASN B 153 8.23 -2.42 0.54
CA ASN B 153 6.95 -2.71 -0.17
C ASN B 153 6.63 -4.20 -0.10
N ALA B 154 5.35 -4.56 -0.02
CA ALA B 154 4.85 -5.95 -0.16
C ALA B 154 4.81 -6.30 -1.64
N LEU B 155 5.98 -6.38 -2.28
CA LEU B 155 6.11 -6.82 -3.69
C LEU B 155 7.41 -7.60 -3.85
N PHE B 156 7.46 -8.43 -4.89
CA PHE B 156 8.67 -9.14 -5.37
C PHE B 156 8.65 -9.12 -6.89
N THR B 157 9.82 -9.17 -7.50
CA THR B 157 10.00 -9.10 -8.97
C THR B 157 10.76 -10.35 -9.43
N PHE B 158 10.41 -10.86 -10.61
CA PHE B 158 11.12 -11.97 -11.29
C PHE B 158 11.84 -11.42 -12.54
N TYR B 159 13.16 -11.60 -12.55
CA TYR B 159 14.04 -11.39 -13.72
C TYR B 159 14.71 -12.73 -14.01
N LEU B 160 14.11 -13.53 -14.89
CA LEU B 160 14.50 -14.94 -15.11
C LEU B 160 15.87 -14.99 -15.78
N PRO B 161 16.71 -16.01 -15.46
CA PRO B 161 17.97 -16.19 -16.15
C PRO B 161 17.69 -16.58 -17.62
N VAL B 162 18.65 -16.31 -18.51
CA VAL B 162 18.57 -16.75 -19.94
C VAL B 162 19.81 -17.61 -20.23
N HIS B 163 19.58 -18.86 -20.65
CA HIS B 163 20.64 -19.84 -21.01
C HIS B 163 21.70 -19.16 -21.88
N ASP B 164 22.97 -19.25 -21.47
CA ASP B 164 24.16 -18.74 -22.21
C ASP B 164 24.10 -17.23 -22.39
N LYS B 165 23.44 -16.49 -21.49
CA LYS B 165 23.32 -15.01 -21.57
C LYS B 165 23.55 -14.37 -20.19
N HIS B 166 22.77 -14.74 -19.17
CA HIS B 166 22.85 -14.13 -17.82
C HIS B 166 22.13 -14.98 -16.76
N THR B 167 22.60 -14.88 -15.52
CA THR B 167 21.89 -15.36 -14.30
C THR B 167 20.66 -14.47 -14.08
N GLY B 168 19.71 -14.92 -13.24
CA GLY B 168 18.47 -14.19 -12.94
C GLY B 168 18.41 -13.80 -11.47
N PHE B 169 17.38 -13.06 -11.07
CA PHE B 169 17.14 -12.63 -9.67
C PHE B 169 15.64 -12.60 -9.37
N LEU B 170 15.28 -13.13 -8.20
CA LEU B 170 14.05 -12.77 -7.45
C LEU B 170 14.44 -11.66 -6.48
N THR B 171 13.88 -10.45 -6.68
CA THR B 171 14.14 -9.27 -5.81
C THR B 171 12.90 -9.05 -4.94
N ILE B 172 13.11 -8.94 -3.63
CA ILE B 172 12.03 -8.82 -2.59
C ILE B 172 12.06 -7.39 -2.04
N GLY B 173 10.97 -6.65 -2.21
CA GLY B 173 10.69 -5.39 -1.50
C GLY B 173 10.84 -4.14 -2.36
N GLY B 174 11.42 -4.24 -3.56
CA GLY B 174 11.68 -3.09 -4.43
C GLY B 174 11.86 -3.45 -5.89
N ILE B 175 11.56 -2.50 -6.78
CA ILE B 175 11.70 -2.63 -8.27
C ILE B 175 13.02 -1.98 -8.69
N GLU B 176 13.88 -2.74 -9.39
CA GLU B 176 15.12 -2.23 -10.05
C GLU B 176 14.80 -1.98 -11.52
N GLU B 177 15.17 -0.80 -12.05
CA GLU B 177 14.91 -0.43 -13.47
C GLU B 177 15.95 -1.09 -14.38
N ARG B 178 17.05 -1.60 -13.82
CA ARG B 178 18.14 -2.27 -14.57
C ARG B 178 17.65 -3.61 -15.15
N PHE B 179 16.54 -4.16 -14.62
CA PHE B 179 16.00 -5.48 -14.98
C PHE B 179 15.11 -5.40 -16.23
N TYR B 180 14.53 -4.24 -16.55
CA TYR B 180 13.58 -4.10 -17.68
C TYR B 180 13.92 -2.89 -18.56
N GLU B 181 13.66 -3.03 -19.87
CA GLU B 181 13.70 -1.95 -20.89
C GLU B 181 12.26 -1.53 -21.22
N GLY B 182 12.06 -0.26 -21.57
CA GLY B 182 10.75 0.26 -22.02
C GLY B 182 9.77 0.43 -20.86
N PRO B 183 8.44 0.50 -21.14
CA PRO B 183 7.45 0.80 -20.12
C PRO B 183 7.05 -0.40 -19.24
N LEU B 184 6.89 -0.16 -17.94
CA LEU B 184 6.32 -1.12 -16.95
C LEU B 184 4.81 -0.88 -16.89
N THR B 185 4.00 -1.88 -17.27
CA THR B 185 2.51 -1.80 -17.33
C THR B 185 1.93 -2.69 -16.23
N TYR B 186 1.04 -2.13 -15.41
CA TYR B 186 0.39 -2.81 -14.25
C TYR B 186 -1.00 -3.32 -14.66
N GLU B 187 -1.20 -4.63 -14.54
CA GLU B 187 -2.49 -5.33 -14.82
C GLU B 187 -3.10 -5.72 -13.47
N LYS B 188 -4.34 -5.26 -13.20
CA LYS B 188 -5.06 -5.50 -11.92
C LYS B 188 -5.50 -6.97 -11.86
N LEU B 189 -5.31 -7.62 -10.70
CA LEU B 189 -5.75 -9.03 -10.50
C LEU B 189 -7.26 -9.10 -10.76
N ASN B 190 -7.74 -10.21 -11.32
CA ASN B 190 -9.19 -10.49 -11.53
C ASN B 190 -9.66 -11.53 -10.49
N HIS B 191 -8.78 -11.87 -9.54
CA HIS B 191 -9.07 -12.81 -8.42
C HIS B 191 -8.50 -12.24 -7.12
N ASP B 192 -9.10 -12.61 -5.98
CA ASP B 192 -8.70 -12.13 -4.62
C ASP B 192 -7.41 -12.80 -4.14
N LEU B 193 -7.13 -14.03 -4.60
CA LEU B 193 -6.03 -14.86 -4.01
C LEU B 193 -5.25 -15.62 -5.09
N TYR B 194 -5.12 -15.06 -6.30
CA TYR B 194 -4.29 -15.71 -7.35
C TYR B 194 -3.70 -14.65 -8.28
N TRP B 195 -2.42 -14.81 -8.63
CA TRP B 195 -1.66 -13.89 -9.51
C TRP B 195 -2.15 -14.11 -10.95
N GLN B 196 -3.38 -13.70 -11.24
CA GLN B 196 -3.99 -13.87 -12.58
C GLN B 196 -4.70 -12.57 -12.98
N ILE B 197 -4.66 -12.28 -14.28
CA ILE B 197 -5.11 -11.00 -14.89
C ILE B 197 -5.98 -11.34 -16.11
N THR B 198 -6.71 -10.36 -16.62
CA THR B 198 -7.58 -10.50 -17.82
C THR B 198 -6.84 -9.92 -19.03
N LEU B 199 -6.54 -10.77 -20.02
CA LEU B 199 -5.91 -10.38 -21.32
C LEU B 199 -6.72 -11.00 -22.45
N ASP B 200 -6.90 -10.25 -23.55
CA ASP B 200 -7.35 -10.80 -24.86
C ASP B 200 -6.18 -11.62 -25.41
N ALA B 201 -6.42 -12.91 -25.72
CA ALA B 201 -5.41 -13.85 -26.26
C ALA B 201 -5.61 -13.97 -27.78
N HIS B 202 -4.64 -13.49 -28.56
CA HIS B 202 -4.61 -13.60 -30.04
C HIS B 202 -3.45 -14.49 -30.45
N VAL B 203 -3.73 -15.49 -31.30
CA VAL B 203 -2.72 -16.37 -31.95
C VAL B 203 -3.19 -16.62 -33.39
N GLY B 204 -2.49 -16.04 -34.37
CA GLY B 204 -2.93 -15.98 -35.77
C GLY B 204 -4.36 -15.49 -35.86
N ASN B 205 -5.27 -16.33 -36.40
CA ASN B 205 -6.70 -16.00 -36.64
C ASN B 205 -7.56 -16.48 -35.46
N ILE B 206 -6.94 -16.98 -34.39
CA ILE B 206 -7.63 -17.59 -33.21
C ILE B 206 -7.64 -16.56 -32.09
N MET B 207 -8.78 -16.44 -31.38
CA MET B 207 -8.99 -15.39 -30.34
C MET B 207 -9.81 -15.94 -29.16
N LEU B 208 -9.43 -15.54 -27.95
CA LEU B 208 -10.27 -15.56 -26.72
C LEU B 208 -10.21 -14.16 -26.10
N GLU B 209 -11.36 -13.48 -26.05
N GLU B 209 -11.35 -13.47 -26.05
CA GLU B 209 -11.50 -12.12 -25.44
CA GLU B 209 -11.49 -12.12 -25.45
C GLU B 209 -11.56 -12.26 -23.93
C GLU B 209 -11.56 -12.26 -23.93
N LYS B 210 -10.87 -11.37 -23.21
CA LYS B 210 -10.87 -11.29 -21.71
C LYS B 210 -10.61 -12.68 -21.13
N ALA B 211 -9.60 -13.38 -21.63
CA ALA B 211 -9.16 -14.70 -21.14
C ALA B 211 -8.49 -14.50 -19.79
N ASN B 212 -8.66 -15.48 -18.89
CA ASN B 212 -7.95 -15.53 -17.59
C ASN B 212 -6.50 -15.93 -17.87
N CYS B 213 -5.53 -15.13 -17.44
CA CYS B 213 -4.08 -15.39 -17.61
C CYS B 213 -3.37 -15.40 -16.25
N ILE B 214 -2.88 -16.58 -15.84
CA ILE B 214 -2.03 -16.76 -14.64
C ILE B 214 -0.59 -16.49 -15.05
N VAL B 215 0.09 -15.57 -14.36
CA VAL B 215 1.56 -15.35 -14.49
C VAL B 215 2.22 -16.24 -13.43
N ASP B 216 2.82 -17.35 -13.85
CA ASP B 216 3.22 -18.45 -12.93
C ASP B 216 4.70 -18.78 -13.10
N SER B 217 5.55 -18.35 -12.15
CA SER B 217 6.99 -18.72 -12.06
C SER B 217 7.18 -20.24 -11.91
N GLY B 218 6.15 -20.99 -11.45
CA GLY B 218 6.26 -22.41 -11.09
C GLY B 218 5.75 -23.36 -12.16
N THR B 219 5.43 -22.85 -13.36
CA THR B 219 5.00 -23.66 -14.52
C THR B 219 6.02 -23.49 -15.66
N SER B 220 6.60 -24.60 -16.13
CA SER B 220 7.74 -24.65 -17.08
C SER B 220 7.24 -24.62 -18.53
N ALA B 221 6.00 -24.21 -18.75
CA ALA B 221 5.33 -24.23 -20.06
C ALA B 221 4.40 -23.03 -20.15
N ILE B 222 4.00 -22.66 -21.36
CA ILE B 222 2.72 -21.95 -21.62
C ILE B 222 1.64 -23.03 -21.66
N THR B 223 0.54 -22.85 -20.94
CA THR B 223 -0.64 -23.74 -21.04
C THR B 223 -1.76 -22.94 -21.70
N VAL B 224 -2.53 -23.59 -22.56
CA VAL B 224 -3.63 -22.97 -23.35
C VAL B 224 -4.84 -23.89 -23.28
N PRO B 225 -6.07 -23.37 -23.42
CA PRO B 225 -7.27 -24.21 -23.54
C PRO B 225 -7.10 -25.23 -24.66
N THR B 226 -7.60 -26.45 -24.45
CA THR B 226 -7.35 -27.60 -25.36
C THR B 226 -7.96 -27.32 -26.74
N ASP B 227 -9.18 -26.79 -26.79
CA ASP B 227 -9.86 -26.37 -28.05
C ASP B 227 -8.95 -25.39 -28.81
N PHE B 228 -8.47 -24.37 -28.11
CA PHE B 228 -7.60 -23.29 -28.61
C PHE B 228 -6.34 -23.91 -29.23
N LEU B 229 -5.69 -24.81 -28.49
CA LEU B 229 -4.46 -25.52 -28.94
C LEU B 229 -4.76 -26.29 -30.22
N ASN B 230 -5.87 -27.03 -30.25
CA ASN B 230 -6.25 -27.85 -31.42
C ASN B 230 -6.42 -26.93 -32.63
N LYS B 231 -7.04 -25.77 -32.45
CA LYS B 231 -7.23 -24.75 -33.52
C LYS B 231 -5.86 -24.21 -33.94
N MET B 232 -4.96 -23.93 -32.98
CA MET B 232 -3.58 -23.42 -33.25
C MET B 232 -2.84 -24.36 -34.18
N LEU B 233 -2.89 -25.68 -33.92
CA LEU B 233 -1.97 -26.65 -34.54
C LEU B 233 -2.50 -27.18 -35.89
N GLN B 234 -3.68 -26.74 -36.33
CA GLN B 234 -4.27 -27.17 -37.63
C GLN B 234 -3.32 -26.77 -38.78
N ASN B 235 -2.83 -27.74 -39.55
CA ASN B 235 -1.97 -27.51 -40.75
C ASN B 235 -0.66 -26.80 -40.36
N LEU B 236 -0.18 -26.97 -39.13
CA LEU B 236 1.04 -26.29 -38.62
C LEU B 236 2.30 -27.11 -38.90
N ASP B 237 2.15 -28.33 -39.43
CA ASP B 237 3.27 -29.27 -39.70
C ASP B 237 3.97 -29.62 -38.37
N VAL B 238 3.22 -29.78 -37.29
CA VAL B 238 3.80 -30.21 -35.98
C VAL B 238 3.23 -31.60 -35.65
N ILE B 239 3.99 -32.41 -34.92
CA ILE B 239 3.70 -33.85 -34.65
C ILE B 239 3.59 -34.04 -33.15
N LYS B 240 2.50 -34.64 -32.68
CA LYS B 240 2.35 -35.01 -31.25
C LYS B 240 3.14 -36.30 -30.98
N VAL B 241 3.94 -36.30 -29.93
CA VAL B 241 4.70 -37.50 -29.46
C VAL B 241 3.67 -38.53 -29.02
N PRO B 242 3.72 -39.79 -29.52
CA PRO B 242 2.80 -40.83 -29.06
C PRO B 242 2.80 -40.92 -27.53
N PHE B 243 1.60 -40.90 -26.94
CA PHE B 243 1.32 -41.16 -25.49
C PHE B 243 1.62 -39.93 -24.61
N LEU B 244 2.15 -38.84 -25.17
CA LEU B 244 2.55 -37.63 -24.41
C LEU B 244 1.89 -36.39 -24.98
N PRO B 245 1.51 -35.40 -24.13
CA PRO B 245 0.80 -34.20 -24.58
C PRO B 245 1.78 -33.13 -25.08
N PHE B 246 2.84 -33.54 -25.78
CA PHE B 246 3.94 -32.66 -26.25
C PHE B 246 4.03 -32.75 -27.76
N TYR B 247 4.42 -31.63 -28.37
CA TYR B 247 4.47 -31.45 -29.83
C TYR B 247 5.91 -31.17 -30.24
N VAL B 248 6.30 -31.74 -31.38
CA VAL B 248 7.66 -31.62 -31.96
C VAL B 248 7.48 -30.91 -33.30
N THR B 249 8.45 -30.08 -33.68
CA THR B 249 8.43 -29.26 -34.92
C THR B 249 9.86 -29.13 -35.42
N LEU B 250 10.04 -28.89 -36.73
CA LEU B 250 11.30 -28.26 -37.21
C LEU B 250 11.42 -26.92 -36.50
N CYS B 251 12.61 -26.58 -35.98
CA CYS B 251 12.84 -25.35 -35.19
C CYS B 251 12.55 -24.11 -36.06
N ASN B 252 12.82 -24.20 -37.37
CA ASN B 252 12.66 -23.08 -38.35
C ASN B 252 11.29 -23.14 -39.05
N ASN B 253 10.34 -23.92 -38.54
CA ASN B 253 8.94 -23.98 -39.07
C ASN B 253 8.34 -22.56 -39.04
N SER B 254 8.16 -21.93 -40.21
N SER B 254 8.16 -21.95 -40.23
CA SER B 254 7.71 -20.52 -40.34
CA SER B 254 7.71 -20.55 -40.39
C SER B 254 6.20 -20.38 -40.04
C SER B 254 6.21 -20.38 -40.05
N LYS B 255 5.47 -21.51 -39.93
CA LYS B 255 4.01 -21.47 -39.60
C LYS B 255 3.81 -21.26 -38.09
N LEU B 256 4.80 -21.58 -37.26
CA LEU B 256 4.73 -21.40 -35.78
C LEU B 256 4.28 -19.96 -35.49
N PRO B 257 3.18 -19.78 -34.71
CA PRO B 257 2.63 -18.45 -34.48
C PRO B 257 3.25 -17.71 -33.29
N THR B 258 3.09 -16.39 -33.28
CA THR B 258 3.45 -15.50 -32.15
C THR B 258 2.20 -15.24 -31.31
N PHE B 259 2.23 -15.59 -30.02
CA PHE B 259 1.18 -15.25 -29.04
C PHE B 259 1.10 -13.73 -28.91
N GLU B 260 -0.10 -13.17 -28.93
CA GLU B 260 -0.37 -11.74 -28.68
CA GLU B 260 -0.37 -11.73 -28.67
C GLU B 260 -1.43 -11.61 -27.58
N PHE B 261 -1.04 -11.06 -26.43
CA PHE B 261 -1.90 -10.80 -25.25
C PHE B 261 -2.03 -9.30 -25.08
N THR B 262 -3.26 -8.77 -25.11
CA THR B 262 -3.54 -7.31 -25.04
C THR B 262 -4.47 -7.03 -23.85
N SER B 263 -4.20 -5.93 -23.14
CA SER B 263 -5.09 -5.28 -22.14
C SER B 263 -5.42 -3.87 -22.63
N GLU B 264 -6.24 -3.12 -21.88
CA GLU B 264 -6.50 -1.68 -22.13
C GLU B 264 -5.17 -0.90 -22.01
N ASN B 265 -4.20 -1.47 -21.31
CA ASN B 265 -2.95 -0.78 -20.86
C ASN B 265 -1.76 -1.15 -21.77
N GLY B 266 -1.61 -2.44 -22.11
CA GLY B 266 -0.37 -2.98 -22.68
C GLY B 266 -0.58 -4.02 -23.77
N LYS B 267 0.51 -4.39 -24.43
CA LYS B 267 0.58 -5.46 -25.45
C LYS B 267 1.83 -6.31 -25.17
N TYR B 268 1.62 -7.62 -24.98
CA TYR B 268 2.68 -8.63 -24.68
C TYR B 268 2.62 -9.69 -25.77
N THR B 269 3.76 -9.98 -26.39
CA THR B 269 3.87 -10.98 -27.49
C THR B 269 4.91 -12.02 -27.10
N LEU B 270 4.69 -13.27 -27.49
CA LEU B 270 5.66 -14.38 -27.26
C LEU B 270 5.91 -15.11 -28.58
N GLU B 271 7.03 -14.76 -29.22
CA GLU B 271 7.48 -15.29 -30.53
C GLU B 271 7.96 -16.72 -30.30
N PRO B 272 8.01 -17.57 -31.36
CA PRO B 272 8.43 -18.97 -31.21
C PRO B 272 9.77 -19.18 -30.50
N GLU B 273 10.76 -18.30 -30.71
CA GLU B 273 12.11 -18.41 -30.07
C GLU B 273 11.96 -18.56 -28.54
N TYR B 274 10.90 -18.02 -27.94
CA TYR B 274 10.68 -18.05 -26.47
C TYR B 274 10.01 -19.36 -26.03
N TYR B 275 9.26 -20.05 -26.89
CA TYR B 275 8.50 -21.27 -26.45
C TYR B 275 9.06 -22.53 -27.12
N LEU B 276 10.12 -22.41 -27.93
CA LEU B 276 10.77 -23.56 -28.60
C LEU B 276 11.89 -24.10 -27.69
N GLN B 277 11.98 -25.42 -27.60
CA GLN B 277 13.07 -26.15 -26.88
C GLN B 277 13.81 -27.02 -27.89
N HIS B 278 15.11 -26.80 -28.06
CA HIS B 278 15.99 -27.56 -28.99
C HIS B 278 16.22 -28.97 -28.44
N ILE B 279 16.00 -29.99 -29.27
CA ILE B 279 16.15 -31.44 -28.91
C ILE B 279 16.96 -32.12 -30.03
N GLU B 280 18.01 -31.44 -30.50
CA GLU B 280 18.71 -31.67 -31.80
C GLU B 280 19.34 -33.08 -31.85
N ASP B 281 19.75 -33.63 -30.70
CA ASP B 281 20.36 -34.98 -30.58
C ASP B 281 19.47 -36.03 -31.25
N VAL B 282 18.15 -35.93 -31.05
CA VAL B 282 17.10 -36.84 -31.62
C VAL B 282 16.67 -36.30 -33.00
N GLY B 283 17.27 -35.18 -33.43
CA GLY B 283 16.83 -34.37 -34.59
C GLY B 283 17.21 -34.99 -35.93
N PRO B 284 17.86 -34.24 -36.87
CA PRO B 284 18.40 -32.91 -36.61
C PRO B 284 17.40 -31.78 -36.90
N GLY B 285 17.65 -30.59 -36.34
CA GLY B 285 16.83 -29.37 -36.51
C GLY B 285 15.42 -29.50 -35.93
N LEU B 286 15.23 -30.36 -34.92
CA LEU B 286 13.91 -30.61 -34.29
C LEU B 286 13.84 -29.91 -32.93
N CYS B 287 12.68 -29.30 -32.65
CA CYS B 287 12.37 -28.60 -31.38
C CYS B 287 11.08 -29.17 -30.78
N MET B 288 10.93 -29.07 -29.46
CA MET B 288 9.65 -29.32 -28.74
C MET B 288 8.99 -27.98 -28.47
N LEU B 289 7.67 -27.90 -28.63
CA LEU B 289 6.87 -26.73 -28.18
C LEU B 289 6.75 -26.79 -26.65
N ASN B 290 7.15 -25.72 -25.94
CA ASN B 290 6.95 -25.55 -24.48
C ASN B 290 5.52 -25.08 -24.24
N ILE B 291 4.56 -25.81 -24.78
CA ILE B 291 3.10 -25.48 -24.80
C ILE B 291 2.35 -26.77 -24.56
N ILE B 292 1.37 -26.75 -23.65
CA ILE B 292 0.45 -27.90 -23.43
C ILE B 292 -0.98 -27.40 -23.26
N GLY B 293 -1.95 -28.25 -23.60
CA GLY B 293 -3.39 -27.98 -23.45
C GLY B 293 -3.84 -28.30 -22.03
N LEU B 294 -4.46 -27.33 -21.35
CA LEU B 294 -5.03 -27.49 -19.98
C LEU B 294 -6.38 -26.78 -19.93
N ASP B 295 -7.44 -27.50 -19.56
CA ASP B 295 -8.81 -26.94 -19.46
C ASP B 295 -9.13 -26.61 -18.01
N PHE B 296 -9.44 -25.34 -17.75
CA PHE B 296 -10.03 -24.83 -16.48
C PHE B 296 -11.52 -24.62 -16.72
N PRO B 297 -12.35 -24.47 -15.67
CA PRO B 297 -13.78 -24.18 -15.85
C PRO B 297 -14.00 -22.88 -16.64
N VAL B 298 -13.17 -21.87 -16.36
CA VAL B 298 -13.10 -20.59 -17.12
C VAL B 298 -11.88 -20.68 -18.05
N PRO B 299 -12.03 -20.39 -19.36
CA PRO B 299 -10.90 -20.43 -20.29
C PRO B 299 -9.69 -19.69 -19.70
N THR B 300 -8.59 -20.40 -19.49
CA THR B 300 -7.38 -19.89 -18.80
C THR B 300 -6.12 -20.23 -19.60
N PHE B 301 -5.18 -19.28 -19.61
CA PHE B 301 -3.78 -19.46 -20.06
C PHE B 301 -2.90 -19.42 -18.82
N ILE B 302 -1.90 -20.30 -18.75
CA ILE B 302 -0.78 -20.11 -17.78
C ILE B 302 0.38 -19.48 -18.54
N LEU B 303 0.68 -18.22 -18.22
CA LEU B 303 1.87 -17.50 -18.70
C LEU B 303 3.03 -17.86 -17.77
N GLY B 304 3.62 -19.03 -18.01
CA GLY B 304 4.70 -19.60 -17.20
C GLY B 304 6.07 -19.17 -17.66
N ASP B 305 7.07 -20.01 -17.36
CA ASP B 305 8.52 -19.80 -17.57
C ASP B 305 8.76 -19.11 -18.91
N PRO B 306 8.29 -19.66 -20.06
CA PRO B 306 8.60 -19.07 -21.37
C PRO B 306 8.24 -17.58 -21.50
N PHE B 307 7.08 -17.18 -20.98
CA PHE B 307 6.59 -15.77 -21.00
C PHE B 307 7.52 -14.92 -20.11
N MET B 308 7.87 -15.44 -18.95
CA MET B 308 8.64 -14.70 -17.91
C MET B 308 10.13 -14.64 -18.30
N ARG B 309 10.60 -15.48 -19.23
CA ARG B 309 11.97 -15.42 -19.79
C ARG B 309 12.13 -14.14 -20.61
N LYS B 310 11.06 -13.75 -21.33
CA LYS B 310 11.04 -12.52 -22.17
C LYS B 310 10.71 -11.31 -21.29
N TYR B 311 9.73 -11.44 -20.39
CA TYR B 311 9.13 -10.30 -19.65
C TYR B 311 9.50 -10.35 -18.17
N PHE B 312 10.13 -9.27 -17.70
CA PHE B 312 10.28 -8.91 -16.27
C PHE B 312 8.87 -8.74 -15.68
N THR B 313 8.64 -9.26 -14.47
CA THR B 313 7.31 -9.22 -13.81
C THR B 313 7.44 -8.73 -12.37
N VAL B 314 6.49 -7.90 -11.94
CA VAL B 314 6.37 -7.32 -10.58
C VAL B 314 5.06 -7.84 -9.99
N PHE B 315 5.14 -8.55 -8.86
CA PHE B 315 3.98 -9.10 -8.11
C PHE B 315 3.77 -8.21 -6.88
N ASP B 316 2.70 -7.41 -6.91
CA ASP B 316 2.40 -6.33 -5.93
C ASP B 316 1.16 -6.72 -5.12
N TYR B 317 1.36 -7.18 -3.88
CA TYR B 317 0.27 -7.57 -2.94
C TYR B 317 -0.60 -6.34 -2.65
N ASP B 318 0.04 -5.24 -2.23
CA ASP B 318 -0.62 -3.98 -1.76
C ASP B 318 -1.50 -3.40 -2.88
N ASN B 319 -0.99 -3.34 -4.11
CA ASN B 319 -1.68 -2.72 -5.28
C ASN B 319 -2.51 -3.76 -6.02
N GLN B 320 -2.43 -5.04 -5.62
CA GLN B 320 -3.22 -6.18 -6.18
C GLN B 320 -3.12 -6.14 -7.72
N SER B 321 -1.89 -6.20 -8.23
CA SER B 321 -1.58 -6.10 -9.68
C SER B 321 -0.30 -6.88 -10.01
N VAL B 322 -0.10 -7.18 -11.29
CA VAL B 322 1.18 -7.70 -11.84
C VAL B 322 1.71 -6.64 -12.81
N GLY B 323 2.92 -6.13 -12.55
CA GLY B 323 3.67 -5.24 -13.45
C GLY B 323 4.38 -6.06 -14.50
N ILE B 324 4.29 -5.68 -15.78
CA ILE B 324 4.89 -6.41 -16.93
C ILE B 324 5.69 -5.42 -17.79
N ALA B 325 6.99 -5.70 -17.96
CA ALA B 325 7.93 -4.95 -18.81
C ALA B 325 8.88 -5.94 -19.51
N LEU B 326 9.38 -5.57 -20.70
CA LEU B 326 10.37 -6.35 -21.47
C LEU B 326 11.65 -6.46 -20.62
N ALA B 327 12.11 -7.69 -20.36
CA ALA B 327 13.34 -8.00 -19.59
C ALA B 327 14.56 -7.45 -20.34
N LYS B 328 15.50 -6.86 -19.61
CA LYS B 328 16.83 -6.41 -20.09
C LYS B 328 17.60 -7.64 -20.59
N LYS B 329 18.08 -7.59 -21.84
CA LYS B 329 18.71 -8.73 -22.55
C LYS B 329 20.22 -8.75 -22.26
#